data_6NAU
#
_entry.id   6NAU
#
_cell.length_a   184.745
_cell.length_b   184.745
_cell.length_c   48.761
_cell.angle_alpha   90.00
_cell.angle_beta   90.00
_cell.angle_gamma   120.00
#
_symmetry.space_group_name_H-M   'P 62'
#
loop_
_entity.id
_entity.type
_entity.pdbx_description
1 polymer 6-phosphogluconolactonase
2 non-polymer 2-[3-(2-HYDROXY-1,1-DIHYDROXYMETHYL-ETHYLAMINO)-PROPYLAMINO]-2-HYDROXYMETHYL-PROPANE-1,3-DIOL
3 non-polymer 'CHLORIDE ION'
4 water water
#
_entity_poly.entity_id   1
_entity_poly.type   'polypeptide(L)'
_entity_poly.pdbx_seq_one_letter_code
;SNAMKQTVYTASPESQQIHVWSLEADGKLTLVQVVDAPGQVQPMVVSPNKEFLYVGVRPEFRVLAYRITPDNGALTFAGE
AALPGSPTHISTDRHGRFVFSASYNQGCVSVTPLHDGLPGETITVVEGLEGCHSANISPDNRTLWVPALKQDRICLFTLS
DDGFLSAQEPAEVTTVEGAGPRHMVFHPNQQYGYCVNELNSSIDVWELKDPKGNIECVQTLDMMPPDFSGVRWAADIHIT
PDGRHLYACDRTASIITVFSVSEDGSVLAVEGYQPTETQPRGFNLDHSGKYLIAAGQKSHHIAVYDIVGEQGLLQEKGRY
AVGQGPMWVVVNAH
;
_entity_poly.pdbx_strand_id   A,B,C
#
# COMPACT_ATOMS: atom_id res chain seq x y z
N SER A 1 43.50 22.40 -32.74
CA SER A 1 42.20 21.89 -32.27
C SER A 1 42.27 20.37 -32.06
N ASN A 2 41.57 19.87 -31.03
CA ASN A 2 41.53 18.44 -30.81
C ASN A 2 40.61 17.74 -31.84
N ALA A 3 39.83 18.52 -32.58
CA ALA A 3 38.93 17.99 -33.62
C ALA A 3 38.01 16.90 -33.06
N MET A 4 37.67 17.02 -31.77
CA MET A 4 36.80 16.02 -31.15
C MET A 4 35.39 16.58 -30.89
N LYS A 5 34.45 15.65 -30.81
CA LYS A 5 33.07 15.84 -30.43
C LYS A 5 32.88 15.05 -29.13
N GLN A 6 32.56 15.75 -28.04
CA GLN A 6 32.52 15.09 -26.75
C GLN A 6 31.27 15.48 -25.93
N THR A 7 30.98 14.62 -24.96
CA THR A 7 29.91 14.82 -24.00
C THR A 7 30.47 14.73 -22.57
N VAL A 8 30.01 15.64 -21.69
CA VAL A 8 30.39 15.68 -20.30
C VAL A 8 29.17 15.29 -19.46
N TYR A 9 29.32 14.30 -18.59
CA TYR A 9 28.27 13.88 -17.66
C TYR A 9 28.70 14.29 -16.25
N THR A 10 27.76 14.91 -15.51
CA THR A 10 28.02 15.28 -14.12
C THR A 10 26.93 14.70 -13.20
N ALA A 11 27.34 14.28 -12.00
CA ALA A 11 26.42 13.74 -11.01
C ALA A 11 26.23 14.77 -9.88
N SER A 12 24.96 15.12 -9.62
CA SER A 12 24.57 16.09 -8.54
C SER A 12 23.63 15.36 -7.60
N PRO A 13 24.17 14.55 -6.67
CA PRO A 13 23.35 13.70 -5.83
C PRO A 13 22.36 14.45 -4.93
N GLU A 14 22.71 15.64 -4.49
CA GLU A 14 21.83 16.34 -3.53
C GLU A 14 20.54 16.84 -4.20
N SER A 15 20.50 16.90 -5.54
CA SER A 15 19.27 17.22 -6.25
C SER A 15 18.85 16.04 -7.14
N GLN A 16 19.53 14.89 -6.97
CA GLN A 16 19.19 13.64 -7.69
C GLN A 16 19.18 13.85 -9.20
N GLN A 17 20.24 14.52 -9.69
CA GLN A 17 20.30 14.81 -11.11
C GLN A 17 21.63 14.38 -11.72
N ILE A 18 21.51 14.06 -13.00
CA ILE A 18 22.65 13.88 -13.91
C ILE A 18 22.49 14.94 -15.00
N HIS A 19 23.54 15.75 -15.20
CA HIS A 19 23.52 16.72 -16.28
C HIS A 19 24.39 16.21 -17.43
N VAL A 20 23.92 16.47 -18.66
CA VAL A 20 24.59 16.05 -19.88
C VAL A 20 24.91 17.31 -20.69
N TRP A 21 26.20 17.49 -21.02
CA TRP A 21 26.66 18.66 -21.75
C TRP A 21 27.43 18.26 -23.01
N SER A 22 27.20 19.00 -24.10
N SER A 22 27.22 19.06 -24.06
CA SER A 22 28.03 18.82 -25.25
CA SER A 22 28.01 18.96 -25.23
C SER A 22 29.25 19.76 -25.12
C SER A 22 29.30 19.77 -24.97
N LEU A 23 30.44 19.20 -25.35
CA LEU A 23 31.74 19.88 -25.23
C LEU A 23 32.34 19.96 -26.63
N GLU A 24 32.49 21.19 -27.13
CA GLU A 24 33.07 21.43 -28.40
C GLU A 24 34.59 21.54 -28.25
N ALA A 25 35.29 21.39 -29.38
CA ALA A 25 36.74 21.48 -29.38
C ALA A 25 37.22 22.80 -28.74
N ASP A 26 36.42 23.88 -28.89
CA ASP A 26 36.80 25.20 -28.34
C ASP A 26 36.54 25.33 -26.82
N GLY A 27 36.05 24.27 -26.16
CA GLY A 27 35.88 24.29 -24.72
C GLY A 27 34.49 24.69 -24.24
N LYS A 28 33.66 25.20 -25.14
CA LYS A 28 32.31 25.64 -24.78
C LYS A 28 31.39 24.45 -24.50
N LEU A 29 30.64 24.53 -23.38
CA LEU A 29 29.59 23.53 -23.06
C LEU A 29 28.21 24.09 -23.41
N THR A 30 27.35 23.18 -23.88
CA THR A 30 25.95 23.45 -24.13
C THR A 30 25.14 22.34 -23.44
N LEU A 31 24.07 22.74 -22.73
CA LEU A 31 23.28 21.73 -22.01
C LEU A 31 22.47 20.90 -23.01
N VAL A 32 22.59 19.57 -22.88
CA VAL A 32 21.92 18.61 -23.74
C VAL A 32 20.73 17.98 -23.02
N GLN A 33 20.88 17.69 -21.73
CA GLN A 33 19.83 16.96 -21.02
C GLN A 33 20.05 17.06 -19.52
N VAL A 34 18.93 17.04 -18.76
CA VAL A 34 18.96 16.90 -17.32
C VAL A 34 18.10 15.68 -16.98
N VAL A 35 18.71 14.72 -16.30
CA VAL A 35 18.04 13.49 -15.90
C VAL A 35 17.77 13.50 -14.40
N ASP A 36 16.52 13.17 -14.05
CA ASP A 36 16.11 12.96 -12.67
C ASP A 36 16.33 11.48 -12.35
N ALA A 37 17.29 11.21 -11.46
CA ALA A 37 17.64 9.85 -11.09
C ALA A 37 16.73 9.37 -9.96
N PRO A 38 16.49 8.04 -9.86
CA PRO A 38 15.64 7.51 -8.78
C PRO A 38 16.41 7.35 -7.46
N GLY A 39 16.97 8.46 -6.99
CA GLY A 39 17.78 8.50 -5.84
C GLY A 39 19.02 9.33 -6.08
N GLN A 40 19.95 9.28 -5.11
N GLN A 40 19.94 9.26 -5.11
CA GLN A 40 21.20 10.05 -5.16
CA GLN A 40 21.18 9.97 -5.19
C GLN A 40 22.27 9.29 -5.95
C GLN A 40 22.16 9.16 -6.05
N VAL A 41 22.53 9.73 -7.19
CA VAL A 41 23.55 9.11 -8.04
C VAL A 41 24.90 9.77 -7.72
N GLN A 42 25.90 8.94 -7.44
CA GLN A 42 27.25 9.43 -7.14
C GLN A 42 28.24 8.97 -8.21
N PRO A 43 28.81 7.74 -8.19
CA PRO A 43 29.80 7.38 -9.19
C PRO A 43 29.21 7.03 -10.54
N MET A 44 29.99 7.32 -11.59
CA MET A 44 29.55 7.06 -12.97
C MET A 44 30.75 6.57 -13.81
N VAL A 45 30.47 5.74 -14.80
CA VAL A 45 31.51 5.31 -15.73
C VAL A 45 30.85 5.04 -17.08
N VAL A 46 31.55 5.42 -18.16
CA VAL A 46 31.11 5.12 -19.51
C VAL A 46 31.63 3.72 -19.88
N SER A 47 30.77 2.91 -20.50
CA SER A 47 31.21 1.59 -20.91
C SER A 47 32.32 1.72 -21.95
N PRO A 48 33.28 0.77 -22.00
CA PRO A 48 34.31 0.80 -23.02
C PRO A 48 33.76 0.92 -24.45
N ASN A 49 32.58 0.34 -24.73
CA ASN A 49 32.03 0.40 -26.11
C ASN A 49 31.18 1.67 -26.31
N LYS A 50 31.04 2.49 -25.28
CA LYS A 50 30.35 3.79 -25.32
C LYS A 50 28.83 3.68 -25.47
N GLU A 51 28.28 2.47 -25.33
CA GLU A 51 26.83 2.31 -25.47
C GLU A 51 26.09 2.71 -24.19
N PHE A 52 26.77 2.65 -23.05
CA PHE A 52 26.10 2.90 -21.78
C PHE A 52 26.91 3.76 -20.82
N LEU A 53 26.14 4.44 -19.95
CA LEU A 53 26.63 5.13 -18.78
C LEU A 53 26.11 4.33 -17.58
N TYR A 54 27.03 3.75 -16.81
CA TYR A 54 26.66 2.99 -15.61
C TYR A 54 26.85 3.92 -14.40
N VAL A 55 25.84 3.98 -13.54
CA VAL A 55 25.94 4.86 -12.39
C VAL A 55 25.52 4.13 -11.13
N GLY A 56 26.06 4.57 -10.00
CA GLY A 56 25.72 4.01 -8.69
C GLY A 56 24.71 4.91 -7.99
N VAL A 57 23.64 4.30 -7.45
CA VAL A 57 22.59 5.05 -6.77
C VAL A 57 22.34 4.47 -5.38
N ARG A 58 21.83 5.34 -4.50
N ARG A 58 21.82 5.34 -4.50
CA ARG A 58 21.34 4.97 -3.17
CA ARG A 58 21.36 5.02 -3.14
C ARG A 58 20.08 5.82 -2.99
C ARG A 58 20.13 5.88 -2.93
N PRO A 59 19.18 5.57 -2.00
CA PRO A 59 19.30 4.47 -1.04
C PRO A 59 18.96 3.04 -1.48
N GLU A 60 18.29 2.88 -2.62
N GLU A 60 18.32 2.89 -2.64
CA GLU A 60 18.09 1.53 -3.10
CA GLU A 60 18.08 1.56 -3.19
C GLU A 60 19.36 1.18 -3.89
C GLU A 60 19.37 1.17 -3.92
N PHE A 61 20.31 0.57 -3.19
CA PHE A 61 21.68 0.30 -3.74
C PHE A 61 21.62 -0.46 -5.04
N ARG A 62 22.08 0.20 -6.12
CA ARG A 62 22.03 -0.38 -7.41
C ARG A 62 23.03 0.24 -8.38
N VAL A 63 23.39 -0.52 -9.42
N VAL A 63 23.34 -0.54 -9.41
CA VAL A 63 24.03 0.10 -10.56
CA VAL A 63 23.95 -0.06 -10.63
C VAL A 63 22.92 0.26 -11.60
C VAL A 63 22.77 0.27 -11.56
N LEU A 64 22.73 1.49 -12.09
CA LEU A 64 21.74 1.80 -13.11
C LEU A 64 22.49 1.89 -14.44
N ALA A 65 21.83 1.43 -15.50
CA ALA A 65 22.38 1.50 -16.86
C ALA A 65 21.52 2.46 -17.68
N TYR A 66 22.16 3.50 -18.20
CA TYR A 66 21.52 4.45 -19.13
C TYR A 66 22.16 4.25 -20.50
N ARG A 67 21.34 3.94 -21.50
CA ARG A 67 21.83 3.81 -22.86
C ARG A 67 22.17 5.20 -23.39
N ILE A 68 23.31 5.32 -24.07
CA ILE A 68 23.78 6.60 -24.61
C ILE A 68 23.39 6.71 -26.09
N THR A 69 22.70 7.79 -26.44
CA THR A 69 22.38 8.09 -27.85
C THR A 69 23.68 8.55 -28.52
N PRO A 70 24.15 7.87 -29.58
CA PRO A 70 25.45 8.19 -30.15
C PRO A 70 25.64 9.66 -30.56
N ASP A 71 24.63 10.23 -31.21
CA ASP A 71 24.87 11.52 -31.84
C ASP A 71 25.07 12.65 -30.82
N ASN A 72 24.30 12.65 -29.72
CA ASN A 72 24.35 13.79 -28.80
C ASN A 72 24.63 13.37 -27.34
N GLY A 73 24.81 12.07 -27.09
CA GLY A 73 25.16 11.59 -25.76
C GLY A 73 23.99 11.55 -24.78
N ALA A 74 22.77 11.82 -25.24
CA ALA A 74 21.60 11.77 -24.34
C ALA A 74 21.41 10.36 -23.76
N LEU A 75 20.71 10.33 -22.62
CA LEU A 75 20.55 9.10 -21.84
C LEU A 75 19.11 8.62 -21.82
N THR A 76 18.96 7.30 -21.79
CA THR A 76 17.68 6.64 -21.67
C THR A 76 17.86 5.49 -20.66
N PHE A 77 17.02 5.49 -19.63
CA PHE A 77 17.13 4.43 -18.65
C PHE A 77 16.88 3.09 -19.32
N ALA A 78 17.77 2.11 -19.07
CA ALA A 78 17.73 0.84 -19.77
C ALA A 78 17.71 -0.37 -18.83
N GLY A 79 18.21 -0.24 -17.60
CA GLY A 79 18.23 -1.41 -16.72
C GLY A 79 18.97 -1.12 -15.43
N GLU A 80 19.02 -2.14 -14.56
CA GLU A 80 19.59 -1.96 -13.24
C GLU A 80 19.86 -3.33 -12.62
N ALA A 81 20.67 -3.32 -11.56
CA ALA A 81 20.88 -4.51 -10.75
C ALA A 81 21.19 -4.04 -9.33
N ALA A 82 20.82 -4.88 -8.36
CA ALA A 82 21.05 -4.58 -6.97
C ALA A 82 22.52 -4.75 -6.62
N LEU A 83 22.97 -3.94 -5.66
CA LEU A 83 24.31 -4.00 -5.13
C LEU A 83 24.24 -4.31 -3.63
N PRO A 84 25.31 -4.90 -3.08
CA PRO A 84 25.35 -5.27 -1.66
C PRO A 84 25.66 -4.12 -0.69
N GLY A 85 25.84 -2.91 -1.23
CA GLY A 85 26.12 -1.76 -0.41
C GLY A 85 26.04 -0.49 -1.23
N SER A 86 26.00 0.65 -0.53
CA SER A 86 25.96 1.94 -1.16
C SER A 86 27.19 2.12 -2.04
N PRO A 87 27.04 2.34 -3.36
CA PRO A 87 28.20 2.46 -4.25
C PRO A 87 28.95 3.79 -4.12
N THR A 88 30.23 3.68 -3.87
CA THR A 88 31.13 4.81 -3.67
C THR A 88 31.89 5.08 -4.98
N HIS A 89 32.25 4.00 -5.67
CA HIS A 89 33.02 4.10 -6.89
C HIS A 89 32.57 2.96 -7.81
N ILE A 90 32.51 3.26 -9.12
N ILE A 90 32.46 3.24 -9.11
CA ILE A 90 32.07 2.30 -10.13
CA ILE A 90 32.16 2.16 -10.04
C ILE A 90 33.07 2.33 -11.30
C ILE A 90 33.09 2.29 -11.25
N SER A 91 33.32 1.16 -11.91
CA SER A 91 34.25 1.06 -13.01
C SER A 91 33.95 -0.22 -13.76
N THR A 92 34.71 -0.47 -14.84
CA THR A 92 34.56 -1.71 -15.55
C THR A 92 35.93 -2.36 -15.77
N ASP A 93 35.90 -3.61 -16.23
CA ASP A 93 37.16 -4.22 -16.62
C ASP A 93 37.52 -3.63 -17.99
N ARG A 94 38.66 -4.05 -18.53
CA ARG A 94 39.14 -3.44 -19.76
C ARG A 94 38.23 -3.78 -20.94
N HIS A 95 37.57 -4.94 -20.90
CA HIS A 95 36.77 -5.43 -22.04
C HIS A 95 35.27 -5.14 -21.90
N GLY A 96 34.88 -4.45 -20.82
CA GLY A 96 33.48 -4.08 -20.62
C GLY A 96 32.55 -5.25 -20.39
N ARG A 97 33.03 -6.27 -19.68
CA ARG A 97 32.22 -7.46 -19.40
C ARG A 97 31.68 -7.42 -17.96
N PHE A 98 32.32 -6.62 -17.11
CA PHE A 98 31.95 -6.54 -15.70
C PHE A 98 31.99 -5.10 -15.20
N VAL A 99 31.07 -4.81 -14.28
CA VAL A 99 31.06 -3.57 -13.52
C VAL A 99 31.52 -3.89 -12.10
N PHE A 100 32.48 -3.10 -11.60
CA PHE A 100 32.97 -3.23 -10.25
C PHE A 100 32.39 -2.09 -9.42
N SER A 101 31.92 -2.42 -8.22
CA SER A 101 31.43 -1.42 -7.31
C SER A 101 32.14 -1.54 -5.97
N ALA A 102 32.72 -0.43 -5.54
CA ALA A 102 33.35 -0.33 -4.23
C ALA A 102 32.36 0.41 -3.33
N SER A 103 32.05 -0.20 -2.17
CA SER A 103 31.16 0.39 -1.18
C SER A 103 31.96 0.72 0.10
N TYR A 104 32.05 2.02 0.38
CA TYR A 104 32.75 2.47 1.57
C TYR A 104 32.02 2.00 2.83
N ASN A 105 30.70 2.19 2.85
CA ASN A 105 29.93 1.93 4.07
C ASN A 105 29.87 0.44 4.40
N GLN A 106 29.76 -0.42 3.38
N GLN A 106 29.74 -0.42 3.38
CA GLN A 106 29.63 -1.85 3.57
CA GLN A 106 29.63 -1.87 3.60
C GLN A 106 31.00 -2.54 3.49
C GLN A 106 31.03 -2.49 3.69
N GLY A 107 32.06 -1.75 3.24
CA GLY A 107 33.44 -2.23 3.22
C GLY A 107 33.62 -3.41 2.27
N CYS A 108 33.15 -3.27 1.03
CA CYS A 108 33.19 -4.38 0.10
C CYS A 108 33.39 -3.91 -1.34
N VAL A 109 33.82 -4.86 -2.17
CA VAL A 109 33.90 -4.67 -3.60
C VAL A 109 33.10 -5.81 -4.22
N SER A 110 32.29 -5.51 -5.24
CA SER A 110 31.45 -6.52 -5.84
C SER A 110 31.58 -6.46 -7.37
N VAL A 111 31.17 -7.56 -8.01
CA VAL A 111 31.23 -7.68 -9.44
C VAL A 111 29.82 -7.93 -9.98
N THR A 112 29.44 -7.10 -10.95
CA THR A 112 28.17 -7.16 -11.65
C THR A 112 28.44 -7.58 -13.08
N PRO A 113 27.85 -8.69 -13.56
CA PRO A 113 28.07 -9.09 -14.95
C PRO A 113 27.23 -8.24 -15.92
N LEU A 114 27.76 -8.02 -17.11
CA LEU A 114 27.01 -7.34 -18.15
C LEU A 114 26.61 -8.36 -19.22
N HIS A 115 25.32 -8.34 -19.58
CA HIS A 115 24.75 -9.18 -20.64
C HIS A 115 24.10 -8.24 -21.66
N ASP A 116 24.69 -8.15 -22.85
CA ASP A 116 24.24 -7.21 -23.87
C ASP A 116 24.30 -5.78 -23.29
N GLY A 117 25.26 -5.58 -22.38
CA GLY A 117 25.52 -4.28 -21.74
C GLY A 117 24.62 -4.00 -20.55
N LEU A 118 23.70 -4.90 -20.23
CA LEU A 118 22.77 -4.67 -19.11
C LEU A 118 23.26 -5.40 -17.87
N PRO A 119 23.18 -4.77 -16.68
CA PRO A 119 23.71 -5.35 -15.47
C PRO A 119 22.84 -6.47 -14.90
N GLY A 120 23.50 -7.56 -14.51
CA GLY A 120 22.82 -8.69 -13.90
C GLY A 120 23.11 -8.82 -12.43
N GLU A 121 22.58 -9.90 -11.84
N GLU A 121 22.53 -9.87 -11.81
CA GLU A 121 22.75 -10.23 -10.43
CA GLU A 121 22.71 -10.14 -10.39
C GLU A 121 24.24 -10.34 -10.07
C GLU A 121 24.21 -10.30 -10.08
N THR A 122 24.61 -9.73 -8.94
CA THR A 122 25.97 -9.77 -8.46
C THR A 122 26.51 -11.20 -8.44
N ILE A 123 27.74 -11.39 -8.94
CA ILE A 123 28.30 -12.74 -8.96
C ILE A 123 29.28 -12.99 -7.81
N THR A 124 29.82 -11.94 -7.21
CA THR A 124 30.70 -12.10 -6.07
C THR A 124 30.77 -10.78 -5.28
N VAL A 125 31.00 -10.93 -3.98
N VAL A 125 31.01 -10.91 -3.96
CA VAL A 125 31.22 -9.80 -3.09
CA VAL A 125 31.14 -9.76 -3.05
C VAL A 125 32.35 -10.18 -2.15
C VAL A 125 32.24 -10.07 -2.04
N VAL A 126 33.32 -9.27 -2.05
CA VAL A 126 34.44 -9.45 -1.16
C VAL A 126 34.28 -8.41 -0.05
N GLU A 127 33.99 -8.91 1.16
CA GLU A 127 33.79 -8.06 2.30
C GLU A 127 35.07 -7.98 3.13
N GLY A 128 35.03 -7.17 4.19
CA GLY A 128 36.16 -7.00 5.11
C GLY A 128 37.19 -5.98 4.64
N LEU A 129 36.79 -5.11 3.70
CA LEU A 129 37.67 -4.06 3.18
C LEU A 129 37.18 -2.72 3.74
N GLU A 130 37.56 -2.44 4.98
CA GLU A 130 37.01 -1.29 5.67
C GLU A 130 37.38 0.01 4.91
N GLY A 131 36.36 0.82 4.61
CA GLY A 131 36.56 2.06 3.89
C GLY A 131 36.89 1.84 2.42
N CYS A 132 36.47 0.71 1.86
CA CYS A 132 36.68 0.40 0.44
C CYS A 132 36.26 1.61 -0.40
N HIS A 133 37.17 2.16 -1.21
CA HIS A 133 36.85 3.45 -1.82
C HIS A 133 36.97 3.48 -3.34
N SER A 134 37.57 2.46 -3.95
CA SER A 134 37.64 2.39 -5.41
C SER A 134 38.09 0.99 -5.81
N ALA A 135 37.80 0.64 -7.06
CA ALA A 135 38.24 -0.60 -7.65
C ALA A 135 38.80 -0.21 -9.02
N ASN A 136 40.07 -0.54 -9.26
CA ASN A 136 40.79 -0.04 -10.42
C ASN A 136 41.48 -1.19 -11.15
N ILE A 137 40.97 -1.56 -12.33
CA ILE A 137 41.54 -2.71 -13.04
C ILE A 137 42.92 -2.33 -13.59
N SER A 138 43.87 -3.26 -13.44
CA SER A 138 45.25 -3.06 -13.91
C SER A 138 45.25 -2.91 -15.42
N PRO A 139 46.30 -2.28 -15.99
CA PRO A 139 46.43 -2.14 -17.44
C PRO A 139 46.32 -3.45 -18.22
N ASP A 140 46.77 -4.56 -17.60
CA ASP A 140 46.76 -5.86 -18.30
C ASP A 140 45.49 -6.66 -18.03
N ASN A 141 44.56 -6.08 -17.27
CA ASN A 141 43.23 -6.64 -16.96
C ASN A 141 43.32 -7.83 -16.00
N ARG A 142 44.48 -8.16 -15.45
CA ARG A 142 44.54 -9.33 -14.56
C ARG A 142 44.23 -9.01 -13.10
N THR A 143 44.46 -7.78 -12.66
CA THR A 143 44.45 -7.49 -11.24
C THR A 143 43.61 -6.27 -10.90
N LEU A 144 42.70 -6.43 -9.92
CA LEU A 144 41.88 -5.32 -9.48
C LEU A 144 42.55 -4.72 -8.24
N TRP A 145 42.92 -3.43 -8.33
CA TRP A 145 43.55 -2.69 -7.25
C TRP A 145 42.45 -2.01 -6.45
N VAL A 146 42.35 -2.34 -5.16
CA VAL A 146 41.22 -1.87 -4.36
C VAL A 146 41.68 -1.18 -3.09
N PRO A 147 41.77 0.17 -3.10
CA PRO A 147 42.05 0.94 -1.88
C PRO A 147 41.02 0.72 -0.78
N ALA A 148 41.51 0.33 0.39
CA ALA A 148 40.70 0.20 1.60
C ALA A 148 41.16 1.33 2.51
N LEU A 149 40.45 2.46 2.43
CA LEU A 149 40.92 3.71 3.03
C LEU A 149 41.22 3.55 4.53
N LYS A 150 40.37 2.82 5.25
CA LYS A 150 40.53 2.72 6.70
C LYS A 150 41.55 1.65 7.10
N GLN A 151 42.11 0.94 6.13
CA GLN A 151 43.07 -0.12 6.40
C GLN A 151 44.48 0.25 5.90
N ASP A 152 44.63 1.43 5.31
CA ASP A 152 45.95 1.88 4.82
C ASP A 152 46.56 0.83 3.90
N ARG A 153 45.74 0.29 3.00
CA ARG A 153 46.25 -0.65 2.07
C ARG A 153 45.45 -0.57 0.78
N ILE A 154 46.09 -1.03 -0.28
CA ILE A 154 45.47 -1.26 -1.57
C ILE A 154 45.48 -2.77 -1.76
N CYS A 155 44.29 -3.38 -1.75
CA CYS A 155 44.17 -4.82 -1.91
C CYS A 155 44.30 -5.18 -3.39
N LEU A 156 44.90 -6.36 -3.63
CA LEU A 156 45.18 -6.85 -4.95
C LEU A 156 44.47 -8.17 -5.17
N PHE A 157 43.59 -8.18 -6.18
CA PHE A 157 42.81 -9.37 -6.49
C PHE A 157 43.00 -9.78 -7.94
N THR A 158 43.18 -11.08 -8.18
CA THR A 158 43.15 -11.57 -9.53
C THR A 158 41.70 -11.64 -9.99
N LEU A 159 41.44 -11.11 -11.19
CA LEU A 159 40.11 -11.18 -11.83
C LEU A 159 40.10 -12.35 -12.79
N SER A 160 39.18 -13.30 -12.60
CA SER A 160 39.07 -14.40 -13.50
C SER A 160 38.26 -14.00 -14.75
N ASP A 161 38.34 -14.84 -15.78
CA ASP A 161 37.57 -14.62 -17.01
C ASP A 161 36.07 -14.61 -16.72
N ASP A 162 35.65 -15.31 -15.66
CA ASP A 162 34.23 -15.39 -15.31
C ASP A 162 33.83 -14.30 -14.31
N GLY A 163 34.76 -13.40 -13.98
CA GLY A 163 34.46 -12.22 -13.15
C GLY A 163 34.68 -12.40 -11.66
N PHE A 164 35.32 -13.49 -11.22
CA PHE A 164 35.58 -13.71 -9.78
C PHE A 164 36.87 -13.03 -9.34
N LEU A 165 36.96 -12.71 -8.04
CA LEU A 165 38.08 -12.02 -7.43
C LEU A 165 38.64 -12.85 -6.29
N SER A 166 39.96 -13.03 -6.28
CA SER A 166 40.58 -13.69 -5.15
C SER A 166 41.95 -13.08 -4.91
N ALA A 167 42.33 -13.02 -3.64
CA ALA A 167 43.53 -12.35 -3.21
C ALA A 167 44.77 -12.94 -3.90
N GLN A 168 45.66 -12.04 -4.31
CA GLN A 168 46.94 -12.45 -4.84
C GLN A 168 47.93 -12.58 -3.69
N GLU A 169 49.16 -12.97 -4.04
CA GLU A 169 50.28 -13.01 -3.11
C GLU A 169 51.35 -12.08 -3.67
N PRO A 170 51.66 -10.92 -3.03
CA PRO A 170 51.02 -10.49 -1.79
C PRO A 170 49.59 -10.02 -1.99
N ALA A 171 48.80 -10.04 -0.92
CA ALA A 171 47.37 -9.68 -0.98
C ALA A 171 47.15 -8.16 -1.04
N GLU A 172 48.19 -7.39 -0.78
N GLU A 172 48.18 -7.38 -0.71
CA GLU A 172 48.06 -5.95 -0.70
CA GLU A 172 48.03 -5.92 -0.74
C GLU A 172 49.43 -5.27 -0.80
C GLU A 172 49.40 -5.24 -0.66
N VAL A 173 49.38 -3.95 -0.98
CA VAL A 173 50.52 -3.05 -0.81
C VAL A 173 50.01 -2.05 0.24
N THR A 174 50.90 -1.53 1.06
CA THR A 174 50.50 -0.69 2.18
C THR A 174 50.97 0.76 2.01
N THR A 175 50.23 1.66 2.66
CA THR A 175 50.56 3.07 2.71
C THR A 175 51.11 3.39 4.10
N VAL A 176 51.62 4.61 4.26
CA VAL A 176 52.00 5.04 5.61
C VAL A 176 50.72 5.02 6.46
N GLU A 177 50.90 4.90 7.77
CA GLU A 177 49.78 4.84 8.67
C GLU A 177 48.99 6.14 8.63
N GLY A 178 47.66 6.00 8.49
CA GLY A 178 46.76 7.14 8.48
C GLY A 178 46.68 7.88 7.15
N ALA A 179 47.29 7.33 6.08
CA ALA A 179 47.26 8.02 4.76
C ALA A 179 45.85 8.02 4.16
N GLY A 180 45.15 6.89 4.26
CA GLY A 180 43.79 6.79 3.73
C GLY A 180 43.74 6.70 2.20
N PRO A 181 44.30 5.64 1.59
CA PRO A 181 44.27 5.50 0.12
C PRO A 181 42.83 5.53 -0.38
N ARG A 182 42.60 6.25 -1.50
CA ARG A 182 41.22 6.54 -1.91
C ARG A 182 40.96 6.21 -3.39
N HIS A 183 41.52 7.04 -4.30
CA HIS A 183 41.36 6.89 -5.76
C HIS A 183 42.71 6.69 -6.42
N MET A 184 42.72 6.08 -7.61
N MET A 184 42.68 6.06 -7.61
CA MET A 184 43.98 5.95 -8.32
CA MET A 184 43.90 5.81 -8.38
C MET A 184 43.73 5.89 -9.83
C MET A 184 43.67 6.12 -9.86
N VAL A 185 44.80 6.17 -10.58
CA VAL A 185 44.84 6.11 -12.02
C VAL A 185 46.17 5.46 -12.39
N PHE A 186 46.20 4.82 -13.54
CA PHE A 186 47.43 4.25 -14.05
C PHE A 186 47.97 5.12 -15.18
N HIS A 187 49.29 5.14 -15.29
CA HIS A 187 49.91 5.86 -16.40
C HIS A 187 49.47 5.21 -17.71
N PRO A 188 49.26 5.99 -18.79
CA PRO A 188 48.94 5.38 -20.09
C PRO A 188 49.97 4.37 -20.61
N ASN A 189 51.24 4.49 -20.19
CA ASN A 189 52.28 3.58 -20.64
C ASN A 189 52.21 2.23 -19.90
N GLN A 190 51.30 2.14 -18.92
CA GLN A 190 50.95 0.89 -18.21
C GLN A 190 52.00 0.45 -17.19
N GLN A 191 52.99 1.29 -16.90
CA GLN A 191 54.09 0.84 -16.04
C GLN A 191 53.99 1.35 -14.59
N TYR A 192 53.19 2.40 -14.36
CA TYR A 192 53.09 3.02 -13.05
C TYR A 192 51.62 3.30 -12.72
N GLY A 193 51.33 3.33 -11.43
CA GLY A 193 50.03 3.73 -10.89
C GLY A 193 50.21 4.85 -9.91
N TYR A 194 49.13 5.63 -9.69
CA TYR A 194 49.20 6.78 -8.83
C TYR A 194 47.98 6.76 -7.93
N CYS A 195 48.20 6.77 -6.62
CA CYS A 195 47.09 6.74 -5.68
C CYS A 195 47.07 8.02 -4.84
N VAL A 196 45.90 8.66 -4.78
CA VAL A 196 45.72 9.80 -3.92
C VAL A 196 45.19 9.31 -2.56
N ASN A 197 45.87 9.77 -1.51
CA ASN A 197 45.59 9.45 -0.13
C ASN A 197 44.83 10.62 0.50
N GLU A 198 43.61 10.32 0.93
CA GLU A 198 42.70 11.31 1.41
C GLU A 198 43.19 12.03 2.69
N LEU A 199 43.55 11.22 3.69
CA LEU A 199 43.71 11.77 5.05
C LEU A 199 45.02 12.53 5.27
N ASN A 200 46.00 12.35 4.39
CA ASN A 200 47.23 13.12 4.53
C ASN A 200 47.55 13.86 3.22
N SER A 201 46.57 13.91 2.31
CA SER A 201 46.70 14.61 1.03
C SER A 201 48.08 14.41 0.42
N SER A 202 48.39 13.16 0.07
CA SER A 202 49.61 12.78 -0.56
C SER A 202 49.30 11.87 -1.76
N ILE A 203 50.28 11.77 -2.65
CA ILE A 203 50.20 10.90 -3.79
C ILE A 203 51.35 9.91 -3.72
N ASP A 204 51.01 8.63 -3.86
CA ASP A 204 51.98 7.52 -3.94
C ASP A 204 52.09 7.09 -5.39
N VAL A 205 53.34 6.95 -5.86
CA VAL A 205 53.66 6.43 -7.18
C VAL A 205 54.03 4.97 -7.01
N TRP A 206 53.30 4.07 -7.68
CA TRP A 206 53.50 2.63 -7.60
C TRP A 206 54.07 2.11 -8.91
N GLU A 207 55.26 1.46 -8.83
CA GLU A 207 55.84 0.79 -9.97
C GLU A 207 55.16 -0.59 -10.02
N LEU A 208 54.55 -0.94 -11.16
N LEU A 208 54.52 -0.92 -11.15
CA LEU A 208 53.73 -2.17 -11.28
CA LEU A 208 53.78 -2.16 -11.20
C LEU A 208 54.56 -3.46 -11.40
C LEU A 208 54.68 -3.39 -11.15
N LYS A 209 55.80 -3.34 -11.88
CA LYS A 209 56.67 -4.52 -11.98
C LYS A 209 58.12 -4.07 -12.04
N ASP A 210 58.77 -4.12 -10.87
CA ASP A 210 60.17 -3.75 -10.75
C ASP A 210 61.03 -4.89 -11.27
N PRO A 211 62.37 -4.76 -11.25
CA PRO A 211 63.25 -5.80 -11.81
C PRO A 211 63.08 -7.19 -11.17
N LYS A 212 62.51 -7.23 -9.95
CA LYS A 212 62.29 -8.49 -9.24
C LYS A 212 60.89 -9.02 -9.53
N GLY A 213 60.12 -8.23 -10.27
CA GLY A 213 58.77 -8.60 -10.65
C GLY A 213 57.74 -8.15 -9.61
N ASN A 214 58.15 -7.27 -8.69
CA ASN A 214 57.29 -6.82 -7.57
C ASN A 214 56.72 -5.40 -7.78
N ILE A 215 55.64 -5.13 -7.04
CA ILE A 215 55.03 -3.83 -6.95
C ILE A 215 55.73 -3.07 -5.83
N GLU A 216 56.23 -1.87 -6.13
CA GLU A 216 56.92 -1.07 -5.14
C GLU A 216 56.47 0.39 -5.20
N CYS A 217 56.41 1.04 -4.03
CA CYS A 217 56.16 2.46 -3.97
C CYS A 217 57.50 3.16 -4.22
N VAL A 218 57.57 3.96 -5.29
CA VAL A 218 58.84 4.60 -5.68
C VAL A 218 58.83 6.12 -5.45
N GLN A 219 57.73 6.67 -4.95
CA GLN A 219 57.69 8.10 -4.63
C GLN A 219 56.41 8.40 -3.84
N THR A 220 56.54 9.32 -2.88
CA THR A 220 55.42 9.84 -2.11
C THR A 220 55.55 11.36 -2.05
N LEU A 221 54.52 12.08 -2.50
CA LEU A 221 54.60 13.52 -2.62
C LEU A 221 53.40 14.19 -1.94
N ASP A 222 53.67 15.25 -1.18
CA ASP A 222 52.64 16.09 -0.54
C ASP A 222 52.01 16.93 -1.65
N MET A 223 50.68 16.92 -1.75
N MET A 223 50.67 16.94 -1.73
CA MET A 223 50.03 17.70 -2.80
CA MET A 223 50.03 17.70 -2.78
C MET A 223 49.61 19.10 -2.29
C MET A 223 49.66 19.11 -2.30
N MET A 224 49.85 19.39 -1.00
CA MET A 224 49.41 20.69 -0.45
C MET A 224 50.53 21.73 -0.46
N PRO A 225 50.18 23.03 -0.59
CA PRO A 225 51.18 24.09 -0.56
C PRO A 225 51.93 24.04 0.76
N PRO A 226 53.22 24.42 0.80
CA PRO A 226 53.99 24.34 2.03
C PRO A 226 53.37 25.10 3.22
N ASP A 227 52.58 26.13 2.92
CA ASP A 227 51.97 26.99 3.95
C ASP A 227 50.58 26.46 4.38
N PHE A 228 50.25 25.20 4.05
CA PHE A 228 48.94 24.66 4.42
C PHE A 228 49.01 23.97 5.78
N SER A 229 48.03 24.29 6.66
CA SER A 229 48.00 23.71 8.00
C SER A 229 46.61 23.18 8.35
N GLY A 230 45.69 23.22 7.37
CA GLY A 230 44.31 22.76 7.59
C GLY A 230 44.17 21.24 7.63
N VAL A 231 42.90 20.80 7.69
CA VAL A 231 42.53 19.40 7.69
C VAL A 231 42.66 18.88 6.24
N ARG A 232 43.52 17.88 6.07
CA ARG A 232 43.74 17.28 4.74
C ARG A 232 42.52 16.44 4.37
N TRP A 233 42.05 16.63 3.12
CA TRP A 233 40.83 15.97 2.67
C TRP A 233 40.87 15.79 1.15
N ALA A 234 41.90 15.08 0.69
CA ALA A 234 42.07 14.91 -0.76
C ALA A 234 40.98 14.01 -1.33
N ALA A 235 40.77 14.12 -2.64
CA ALA A 235 39.69 13.39 -3.26
C ALA A 235 40.09 12.66 -4.55
N ASP A 236 40.18 13.40 -5.66
CA ASP A 236 40.28 12.76 -6.96
C ASP A 236 41.67 12.96 -7.58
N ILE A 237 41.95 12.16 -8.61
CA ILE A 237 43.23 12.14 -9.32
C ILE A 237 43.02 11.68 -10.75
N HIS A 238 43.65 12.38 -11.70
CA HIS A 238 43.56 12.04 -13.13
C HIS A 238 44.86 12.43 -13.82
N ILE A 239 45.20 11.70 -14.89
CA ILE A 239 46.41 11.94 -15.70
C ILE A 239 45.99 12.14 -17.16
N THR A 240 46.68 13.06 -17.85
CA THR A 240 46.38 13.31 -19.23
C THR A 240 46.78 12.12 -20.09
N PRO A 241 46.05 11.85 -21.19
CA PRO A 241 46.38 10.70 -22.02
C PRO A 241 47.78 10.79 -22.65
N ASP A 242 48.34 12.00 -22.78
CA ASP A 242 49.70 12.14 -23.32
C ASP A 242 50.74 11.85 -22.25
N GLY A 243 50.29 11.58 -21.01
CA GLY A 243 51.15 11.20 -19.91
C GLY A 243 51.98 12.34 -19.34
N ARG A 244 51.73 13.59 -19.76
CA ARG A 244 52.61 14.70 -19.32
C ARG A 244 52.18 15.36 -18.01
N HIS A 245 50.89 15.31 -17.69
CA HIS A 245 50.39 16.07 -16.57
C HIS A 245 49.47 15.21 -15.72
N LEU A 246 49.57 15.40 -14.40
CA LEU A 246 48.71 14.71 -13.45
C LEU A 246 48.12 15.76 -12.50
N TYR A 247 46.85 15.58 -12.14
CA TYR A 247 46.13 16.52 -11.30
C TYR A 247 45.45 15.80 -10.15
N ALA A 248 45.41 16.45 -8.98
CA ALA A 248 44.70 15.91 -7.80
C ALA A 248 44.03 17.06 -7.08
N CYS A 249 42.92 16.80 -6.39
CA CYS A 249 42.21 17.90 -5.73
C CYS A 249 42.04 17.65 -4.23
N ASP A 250 41.94 18.75 -3.48
CA ASP A 250 41.72 18.71 -2.02
C ASP A 250 40.46 19.53 -1.72
N ARG A 251 39.58 18.95 -0.92
CA ARG A 251 38.29 19.51 -0.60
C ARG A 251 38.35 20.63 0.43
N THR A 252 39.35 20.63 1.31
CA THR A 252 39.46 21.68 2.34
C THR A 252 39.97 22.99 1.72
N ALA A 253 41.07 22.87 0.97
CA ALA A 253 41.73 24.04 0.37
C ALA A 253 41.04 24.47 -0.91
N SER A 254 40.18 23.60 -1.48
CA SER A 254 39.52 23.88 -2.78
C SER A 254 40.57 24.25 -3.83
N ILE A 255 41.52 23.34 -4.02
CA ILE A 255 42.54 23.51 -5.02
C ILE A 255 42.67 22.24 -5.85
N ILE A 256 43.19 22.43 -7.06
CA ILE A 256 43.71 21.37 -7.89
C ILE A 256 45.22 21.56 -7.90
N THR A 257 45.97 20.55 -7.47
CA THR A 257 47.42 20.59 -7.58
C THR A 257 47.82 20.01 -8.94
N VAL A 258 48.72 20.74 -9.61
CA VAL A 258 49.20 20.40 -10.93
C VAL A 258 50.58 19.77 -10.77
N PHE A 259 50.75 18.58 -11.36
CA PHE A 259 52.02 17.88 -11.36
C PHE A 259 52.49 17.62 -12.78
N SER A 260 53.81 17.70 -12.96
CA SER A 260 54.48 17.23 -14.15
C SER A 260 54.82 15.76 -13.92
N VAL A 261 54.82 14.97 -14.99
CA VAL A 261 55.11 13.56 -14.96
C VAL A 261 56.35 13.30 -15.83
N SER A 262 57.38 12.69 -15.24
CA SER A 262 58.60 12.38 -15.99
C SER A 262 58.25 11.50 -17.19
N GLU A 263 59.18 11.43 -18.16
CA GLU A 263 58.91 10.75 -19.41
C GLU A 263 58.57 9.27 -19.22
N ASP A 264 59.16 8.62 -18.21
CA ASP A 264 58.92 7.20 -18.02
C ASP A 264 57.75 6.96 -17.05
N GLY A 265 57.26 8.02 -16.43
CA GLY A 265 56.11 7.98 -15.50
C GLY A 265 56.49 7.75 -14.05
N SER A 266 57.78 7.61 -13.76
CA SER A 266 58.21 7.25 -12.41
C SER A 266 58.30 8.42 -11.42
N VAL A 267 58.35 9.67 -11.90
CA VAL A 267 58.58 10.81 -10.99
C VAL A 267 57.55 11.93 -11.26
N LEU A 268 56.92 12.40 -10.19
CA LEU A 268 56.01 13.54 -10.22
C LEU A 268 56.71 14.74 -9.61
N ALA A 269 56.34 15.93 -10.07
CA ALA A 269 56.84 17.17 -9.49
C ALA A 269 55.70 18.19 -9.47
N VAL A 270 55.59 18.92 -8.38
CA VAL A 270 54.56 19.92 -8.26
C VAL A 270 54.92 21.12 -9.14
N GLU A 271 53.96 21.56 -9.95
CA GLU A 271 54.15 22.71 -10.84
C GLU A 271 53.36 23.93 -10.38
N GLY A 272 52.28 23.70 -9.62
CA GLY A 272 51.44 24.80 -9.18
C GLY A 272 50.17 24.33 -8.52
N TYR A 273 49.43 25.30 -7.97
CA TYR A 273 48.17 25.07 -7.27
C TYR A 273 47.11 25.98 -7.88
N GLN A 274 45.95 25.39 -8.22
CA GLN A 274 44.90 26.15 -8.86
C GLN A 274 43.67 26.21 -7.95
N PRO A 275 43.26 27.42 -7.51
CA PRO A 275 42.01 27.56 -6.74
C PRO A 275 40.88 27.12 -7.66
N THR A 276 39.90 26.39 -7.12
CA THR A 276 38.84 25.88 -7.96
C THR A 276 37.49 25.97 -7.24
N GLU A 277 36.47 25.38 -7.89
CA GLU A 277 35.11 25.35 -7.36
C GLU A 277 35.13 24.83 -5.91
N THR A 278 34.34 25.49 -5.05
CA THR A 278 34.40 25.20 -3.64
C THR A 278 34.08 23.72 -3.35
N GLN A 279 34.98 23.12 -2.57
CA GLN A 279 34.94 21.72 -2.11
C GLN A 279 34.91 20.78 -3.31
N PRO A 280 36.02 20.71 -4.07
CA PRO A 280 36.11 19.84 -5.24
C PRO A 280 36.30 18.37 -4.84
N ARG A 281 35.24 17.57 -4.99
CA ARG A 281 35.32 16.13 -4.71
C ARG A 281 35.64 15.39 -6.01
N GLY A 282 35.06 15.84 -7.11
CA GLY A 282 35.26 15.17 -8.39
C GLY A 282 35.58 16.12 -9.54
N PHE A 283 36.47 15.68 -10.43
CA PHE A 283 36.78 16.38 -11.67
C PHE A 283 37.17 15.33 -12.70
N ASN A 284 37.40 15.78 -13.93
CA ASN A 284 37.97 14.88 -14.90
C ASN A 284 38.64 15.72 -15.98
N LEU A 285 39.26 15.01 -16.93
CA LEU A 285 39.90 15.58 -18.09
C LEU A 285 39.12 15.15 -19.32
N ASP A 286 39.17 15.97 -20.37
CA ASP A 286 38.53 15.52 -21.61
C ASP A 286 39.43 14.48 -22.29
N HIS A 287 38.99 13.98 -23.44
CA HIS A 287 39.69 12.89 -24.11
C HIS A 287 40.98 13.37 -24.78
N SER A 288 41.11 14.66 -25.05
CA SER A 288 42.33 15.18 -25.68
C SER A 288 43.40 15.53 -24.64
N GLY A 289 42.98 15.78 -23.40
CA GLY A 289 43.87 16.29 -22.34
C GLY A 289 44.08 17.79 -22.44
N LYS A 290 43.29 18.49 -23.26
CA LYS A 290 43.37 19.96 -23.40
C LYS A 290 42.46 20.68 -22.40
N TYR A 291 41.54 19.95 -21.77
CA TYR A 291 40.56 20.56 -20.85
C TYR A 291 40.45 19.75 -19.55
N LEU A 292 40.30 20.49 -18.45
CA LEU A 292 40.00 19.93 -17.13
C LEU A 292 38.64 20.51 -16.71
N ILE A 293 37.73 19.64 -16.27
N ILE A 293 37.76 19.66 -16.20
CA ILE A 293 36.40 20.03 -15.79
CA ILE A 293 36.42 20.09 -15.80
C ILE A 293 36.26 19.65 -14.32
C ILE A 293 36.20 19.65 -14.34
N ALA A 294 36.04 20.64 -13.45
CA ALA A 294 35.95 20.40 -12.02
C ALA A 294 34.60 20.79 -11.48
N ALA A 295 34.07 19.96 -10.58
CA ALA A 295 32.83 20.24 -9.91
C ALA A 295 33.08 20.73 -8.48
N GLY A 296 32.29 21.71 -8.04
CA GLY A 296 32.34 22.18 -6.67
C GLY A 296 31.18 21.64 -5.85
N GLN A 297 31.47 20.76 -4.89
CA GLN A 297 30.40 20.16 -4.09
C GLN A 297 29.63 21.23 -3.30
N LYS A 298 30.27 22.38 -3.06
N LYS A 298 30.28 22.37 -3.04
CA LYS A 298 29.62 23.46 -2.34
CA LYS A 298 29.62 23.45 -2.34
C LYS A 298 29.47 24.71 -3.22
C LYS A 298 29.20 24.57 -3.30
N SER A 299 29.76 24.59 -4.52
CA SER A 299 29.50 25.69 -5.47
C SER A 299 28.30 25.40 -6.37
N HIS A 300 28.01 24.12 -6.59
CA HIS A 300 26.89 23.69 -7.47
C HIS A 300 27.14 24.11 -8.91
N HIS A 301 28.42 24.30 -9.25
CA HIS A 301 28.85 24.60 -10.61
C HIS A 301 30.01 23.70 -11.03
N ILE A 302 30.21 23.59 -12.34
CA ILE A 302 31.42 23.01 -12.88
C ILE A 302 32.20 24.16 -13.56
N ALA A 303 33.52 24.04 -13.52
CA ALA A 303 34.40 24.98 -14.22
C ALA A 303 35.20 24.21 -15.26
N VAL A 304 35.33 24.81 -16.44
CA VAL A 304 36.13 24.26 -17.53
C VAL A 304 37.42 25.08 -17.59
N TYR A 305 38.56 24.39 -17.56
CA TYR A 305 39.87 25.02 -17.67
C TYR A 305 40.61 24.50 -18.90
N ASP A 306 41.32 25.43 -19.56
CA ASP A 306 42.31 25.06 -20.53
C ASP A 306 43.54 24.54 -19.77
N ILE A 307 44.16 23.49 -20.31
CA ILE A 307 45.46 22.98 -19.84
C ILE A 307 46.49 23.62 -20.78
N VAL A 308 47.39 24.42 -20.19
CA VAL A 308 48.25 25.28 -20.99
C VAL A 308 49.74 25.06 -20.71
N GLY A 309 50.48 25.04 -21.81
CA GLY A 309 51.96 25.11 -21.75
C GLY A 309 52.62 23.85 -21.23
N GLU A 310 53.95 23.93 -21.12
N GLU A 310 53.95 23.96 -21.09
CA GLU A 310 54.73 22.75 -20.74
CA GLU A 310 54.80 22.85 -20.69
C GLU A 310 54.44 22.34 -19.29
C GLU A 310 54.45 22.35 -19.29
N GLN A 311 54.03 23.28 -18.43
N GLN A 311 54.01 23.27 -18.42
CA GLN A 311 53.76 22.95 -17.02
CA GLN A 311 53.75 22.95 -17.01
C GLN A 311 52.36 22.34 -16.86
C GLN A 311 52.30 22.48 -16.79
N GLY A 312 51.47 22.55 -17.85
CA GLY A 312 50.07 22.07 -17.76
C GLY A 312 49.23 22.85 -16.74
N LEU A 313 49.59 24.13 -16.54
CA LEU A 313 48.83 24.96 -15.64
C LEU A 313 47.43 25.22 -16.23
N LEU A 314 46.50 25.62 -15.36
CA LEU A 314 45.10 25.74 -15.72
C LEU A 314 44.70 27.20 -15.88
N GLN A 315 43.88 27.47 -16.88
CA GLN A 315 43.32 28.81 -17.16
C GLN A 315 41.82 28.64 -17.34
N GLU A 316 41.04 29.28 -16.47
CA GLU A 316 39.59 29.10 -16.50
C GLU A 316 39.03 29.63 -17.82
N LYS A 317 38.10 28.87 -18.42
CA LYS A 317 37.48 29.24 -19.66
C LYS A 317 35.99 29.53 -19.47
N GLY A 318 35.30 28.72 -18.64
CA GLY A 318 33.88 28.90 -18.45
C GLY A 318 33.41 28.20 -17.20
N ARG A 319 32.19 28.57 -16.77
N ARG A 319 32.27 28.66 -16.66
CA ARG A 319 31.62 28.11 -15.53
CA ARG A 319 31.64 28.04 -15.50
C ARG A 319 30.12 27.89 -15.78
C ARG A 319 30.19 27.79 -15.88
N TYR A 320 29.62 26.73 -15.32
CA TYR A 320 28.27 26.30 -15.65
C TYR A 320 27.56 25.75 -14.43
N ALA A 321 26.31 26.17 -14.25
CA ALA A 321 25.51 25.66 -13.16
C ALA A 321 25.05 24.23 -13.45
N VAL A 322 25.15 23.36 -12.43
CA VAL A 322 24.62 22.00 -12.53
C VAL A 322 23.60 21.85 -11.38
N GLY A 323 23.55 20.68 -10.74
CA GLY A 323 22.61 20.47 -9.67
C GLY A 323 23.27 20.77 -8.34
N GLN A 324 22.64 20.30 -7.26
CA GLN A 324 23.15 20.55 -5.95
C GLN A 324 24.15 19.46 -5.58
N GLY A 325 25.32 19.90 -5.09
CA GLY A 325 26.35 19.04 -4.58
C GLY A 325 27.01 18.17 -5.63
N PRO A 326 27.42 18.71 -6.80
CA PRO A 326 28.02 17.90 -7.86
C PRO A 326 29.36 17.32 -7.36
N MET A 327 29.64 16.06 -7.68
CA MET A 327 30.85 15.43 -7.14
C MET A 327 31.39 14.33 -8.06
N TRP A 328 30.93 14.30 -9.32
CA TRP A 328 31.47 13.32 -10.28
C TRP A 328 31.34 13.89 -11.69
N VAL A 329 32.41 13.73 -12.48
CA VAL A 329 32.49 14.16 -13.84
C VAL A 329 33.12 13.06 -14.68
N VAL A 330 32.51 12.77 -15.85
CA VAL A 330 33.16 11.88 -16.82
C VAL A 330 32.93 12.49 -18.21
N VAL A 331 33.86 12.20 -19.12
CA VAL A 331 33.82 12.76 -20.48
C VAL A 331 33.93 11.62 -21.48
N ASN A 332 33.10 11.67 -22.53
CA ASN A 332 33.07 10.66 -23.57
C ASN A 332 33.24 11.33 -24.94
N ALA A 333 34.22 10.86 -25.71
CA ALA A 333 34.40 11.28 -27.10
C ALA A 333 33.58 10.38 -28.03
N HIS A 334 32.95 10.96 -29.06
CA HIS A 334 32.15 10.15 -29.96
C HIS A 334 32.05 10.79 -31.35
N SER B 1 14.03 15.27 -16.50
CA SER B 1 13.23 14.12 -17.00
C SER B 1 13.77 12.82 -16.39
N ASN B 2 12.86 11.88 -16.12
CA ASN B 2 13.36 10.58 -15.62
C ASN B 2 14.00 9.76 -16.75
N ALA B 3 13.78 10.16 -18.01
CA ALA B 3 14.35 9.48 -19.16
C ALA B 3 14.02 7.97 -19.16
N MET B 4 12.84 7.64 -18.62
CA MET B 4 12.42 6.25 -18.57
C MET B 4 11.27 5.96 -19.56
N LYS B 5 11.21 4.68 -19.95
CA LYS B 5 10.16 4.09 -20.75
C LYS B 5 9.46 3.10 -19.83
N GLN B 6 8.16 3.31 -19.57
CA GLN B 6 7.48 2.48 -18.58
C GLN B 6 6.10 2.03 -19.07
N THR B 7 5.61 0.97 -18.41
CA THR B 7 4.30 0.42 -18.65
C THR B 7 3.54 0.39 -17.31
N VAL B 8 2.26 0.74 -17.35
CA VAL B 8 1.38 0.69 -16.18
C VAL B 8 0.35 -0.42 -16.43
N TYR B 9 0.22 -1.34 -15.47
CA TYR B 9 -0.77 -2.41 -15.51
C TYR B 9 -1.82 -2.11 -14.43
N THR B 10 -3.11 -2.23 -14.79
CA THR B 10 -4.18 -2.06 -13.80
C THR B 10 -5.11 -3.26 -13.83
N ALA B 11 -5.63 -3.63 -12.64
CA ALA B 11 -6.57 -4.74 -12.53
C ALA B 11 -7.96 -4.17 -12.23
N SER B 12 -8.94 -4.54 -13.07
CA SER B 12 -10.36 -4.15 -12.94
C SER B 12 -11.15 -5.43 -12.80
N PRO B 13 -11.20 -6.03 -11.59
CA PRO B 13 -11.79 -7.33 -11.39
C PRO B 13 -13.27 -7.40 -11.75
N GLU B 14 -14.04 -6.33 -11.53
CA GLU B 14 -15.49 -6.45 -11.78
C GLU B 14 -15.80 -6.62 -13.27
N SER B 15 -14.96 -6.10 -14.16
CA SER B 15 -15.13 -6.31 -15.59
C SER B 15 -14.11 -7.34 -16.12
N GLN B 16 -13.37 -7.98 -15.22
CA GLN B 16 -12.42 -9.05 -15.54
C GLN B 16 -11.40 -8.58 -16.57
N GLN B 17 -10.85 -7.39 -16.34
CA GLN B 17 -9.92 -6.80 -17.29
C GLN B 17 -8.60 -6.41 -16.63
N ILE B 18 -7.54 -6.54 -17.43
CA ILE B 18 -6.24 -5.95 -17.15
C ILE B 18 -6.02 -4.91 -18.25
N HIS B 19 -5.75 -3.67 -17.86
CA HIS B 19 -5.41 -2.62 -18.83
C HIS B 19 -3.89 -2.39 -18.80
N VAL B 20 -3.32 -2.21 -19.98
CA VAL B 20 -1.90 -1.99 -20.17
C VAL B 20 -1.72 -0.61 -20.82
N TRP B 21 -0.94 0.25 -20.17
CA TRP B 21 -0.70 1.62 -20.63
C TRP B 21 0.80 1.92 -20.75
N SER B 22 1.17 2.62 -21.83
N SER B 22 1.14 2.68 -21.79
CA SER B 22 2.52 3.12 -21.89
CA SER B 22 2.48 3.21 -21.97
C SER B 22 2.54 4.46 -21.16
C SER B 22 2.56 4.54 -21.21
N LEU B 23 3.54 4.64 -20.29
CA LEU B 23 3.76 5.84 -19.51
C LEU B 23 5.03 6.53 -20.00
N GLU B 24 4.88 7.75 -20.53
CA GLU B 24 6.05 8.51 -21.00
C GLU B 24 6.63 9.29 -19.84
N ALA B 25 7.87 9.77 -20.03
CA ALA B 25 8.54 10.54 -18.98
C ALA B 25 7.74 11.77 -18.57
N ASP B 26 6.94 12.32 -19.50
CA ASP B 26 6.12 13.51 -19.25
C ASP B 26 4.81 13.20 -18.51
N GLY B 27 4.55 11.93 -18.21
CA GLY B 27 3.39 11.55 -17.43
C GLY B 27 2.21 11.09 -18.26
N LYS B 28 2.26 11.27 -19.58
CA LYS B 28 1.11 10.91 -20.40
C LYS B 28 0.98 9.40 -20.53
N LEU B 29 -0.26 8.89 -20.45
CA LEU B 29 -0.53 7.47 -20.70
C LEU B 29 -1.19 7.29 -22.07
N THR B 30 -0.84 6.18 -22.72
CA THR B 30 -1.44 5.76 -23.97
C THR B 30 -1.85 4.28 -23.83
N LEU B 31 -3.08 3.96 -24.23
CA LEU B 31 -3.54 2.56 -24.07
C LEU B 31 -2.77 1.66 -25.05
N VAL B 32 -2.28 0.54 -24.51
CA VAL B 32 -1.52 -0.46 -25.28
C VAL B 32 -2.36 -1.72 -25.52
N GLN B 33 -3.10 -2.16 -24.49
CA GLN B 33 -3.80 -3.43 -24.57
C GLN B 33 -4.86 -3.51 -23.49
N VAL B 34 -5.93 -4.26 -23.78
CA VAL B 34 -6.90 -4.62 -22.78
C VAL B 34 -7.04 -6.15 -22.83
N VAL B 35 -6.81 -6.79 -21.69
CA VAL B 35 -6.88 -8.24 -21.57
C VAL B 35 -8.14 -8.65 -20.82
N ASP B 36 -8.85 -9.64 -21.38
CA ASP B 36 -9.99 -10.28 -20.75
C ASP B 36 -9.46 -11.47 -19.96
N ALA B 37 -9.46 -11.36 -18.62
CA ALA B 37 -8.97 -12.40 -17.73
C ALA B 37 -10.03 -13.48 -17.54
N PRO B 38 -9.62 -14.74 -17.30
CA PRO B 38 -10.58 -15.82 -17.05
C PRO B 38 -11.07 -15.83 -15.60
N GLY B 39 -11.66 -14.70 -15.18
CA GLY B 39 -12.12 -14.53 -13.82
C GLY B 39 -11.80 -13.13 -13.33
N GLN B 40 -12.08 -12.90 -12.05
CA GLN B 40 -11.86 -11.59 -11.44
C GLN B 40 -10.40 -11.53 -10.99
N VAL B 41 -9.58 -10.76 -11.71
CA VAL B 41 -8.14 -10.63 -11.39
C VAL B 41 -7.98 -9.45 -10.40
N GLN B 42 -7.26 -9.73 -9.31
CA GLN B 42 -7.01 -8.70 -8.30
C GLN B 42 -5.51 -8.44 -8.17
N PRO B 43 -4.71 -9.18 -7.35
CA PRO B 43 -3.32 -8.80 -7.17
C PRO B 43 -2.42 -9.11 -8.37
N MET B 44 -1.41 -8.28 -8.57
CA MET B 44 -0.50 -8.44 -9.67
C MET B 44 0.92 -8.10 -9.22
N VAL B 45 1.90 -8.74 -9.85
CA VAL B 45 3.30 -8.43 -9.59
C VAL B 45 4.10 -8.73 -10.85
N VAL B 46 5.06 -7.85 -11.16
CA VAL B 46 6.01 -8.07 -12.25
C VAL B 46 7.17 -8.90 -11.71
N SER B 47 7.59 -9.91 -12.48
CA SER B 47 8.72 -10.73 -12.09
C SER B 47 9.97 -9.87 -12.00
N PRO B 48 10.90 -10.19 -11.07
CA PRO B 48 12.16 -9.45 -11.00
C PRO B 48 12.88 -9.34 -12.36
N ASN B 49 12.81 -10.39 -13.20
CA ASN B 49 13.51 -10.33 -14.52
C ASN B 49 12.68 -9.61 -15.60
N LYS B 50 11.45 -9.20 -15.26
CA LYS B 50 10.55 -8.38 -16.12
C LYS B 50 10.04 -9.20 -17.31
N GLU B 51 10.16 -10.53 -17.26
CA GLU B 51 9.65 -11.36 -18.34
C GLU B 51 8.15 -11.67 -18.16
N PHE B 52 7.65 -11.60 -16.92
CA PHE B 52 6.27 -12.02 -16.65
C PHE B 52 5.54 -11.05 -15.74
N LEU B 53 4.22 -11.01 -15.95
CA LEU B 53 3.30 -10.41 -15.02
C LEU B 53 2.52 -11.58 -14.40
N TYR B 54 2.60 -11.72 -13.07
CA TYR B 54 1.88 -12.77 -12.37
C TYR B 54 0.65 -12.10 -11.77
N VAL B 55 -0.50 -12.77 -11.88
CA VAL B 55 -1.71 -12.17 -11.32
C VAL B 55 -2.51 -13.24 -10.58
N GLY B 56 -3.29 -12.80 -9.59
CA GLY B 56 -4.16 -13.70 -8.87
C GLY B 56 -5.59 -13.59 -9.36
N VAL B 57 -6.23 -14.75 -9.57
CA VAL B 57 -7.60 -14.76 -10.04
C VAL B 57 -8.48 -15.68 -9.18
N ARG B 58 -9.78 -15.35 -9.18
N ARG B 58 -9.78 -15.34 -9.13
CA ARG B 58 -10.85 -16.14 -8.58
CA ARG B 58 -10.84 -16.18 -8.56
C ARG B 58 -12.00 -16.11 -9.59
C ARG B 58 -12.01 -16.09 -9.54
N PRO B 59 -13.02 -16.97 -9.52
CA PRO B 59 -13.16 -18.03 -8.51
C PRO B 59 -12.37 -19.34 -8.67
N GLU B 60 -11.74 -19.56 -9.83
CA GLU B 60 -10.85 -20.72 -9.94
C GLU B 60 -9.49 -20.25 -9.40
N PHE B 61 -9.27 -20.47 -8.10
CA PHE B 61 -8.12 -19.84 -7.40
C PHE B 61 -6.81 -20.21 -8.05
N ARG B 62 -6.13 -19.21 -8.64
CA ARG B 62 -4.91 -19.50 -9.34
C ARG B 62 -4.00 -18.30 -9.44
N VAL B 63 -2.70 -18.56 -9.66
N VAL B 63 -2.70 -18.60 -9.65
CA VAL B 63 -1.82 -17.51 -10.10
CA VAL B 63 -1.73 -17.66 -10.16
C VAL B 63 -1.63 -17.73 -11.62
C VAL B 63 -1.78 -17.80 -11.68
N LEU B 64 -1.94 -16.70 -12.40
CA LEU B 64 -1.82 -16.74 -13.88
C LEU B 64 -0.51 -16.06 -14.24
N ALA B 65 0.15 -16.58 -15.27
CA ALA B 65 1.38 -15.99 -15.76
C ALA B 65 1.15 -15.46 -17.18
N TYR B 66 1.38 -14.16 -17.34
CA TYR B 66 1.32 -13.52 -18.66
C TYR B 66 2.74 -13.09 -19.03
N ARG B 67 3.22 -13.59 -20.17
N ARG B 67 3.22 -13.58 -20.18
CA ARG B 67 4.53 -13.22 -20.66
CA ARG B 67 4.52 -13.22 -20.66
C ARG B 67 4.44 -11.77 -21.16
C ARG B 67 4.43 -11.77 -21.15
N ILE B 68 5.44 -10.96 -20.78
CA ILE B 68 5.50 -9.55 -21.17
C ILE B 68 6.36 -9.37 -22.43
N THR B 69 5.78 -8.74 -23.46
CA THR B 69 6.53 -8.36 -24.68
C THR B 69 7.47 -7.24 -24.31
N PRO B 70 8.79 -7.39 -24.51
CA PRO B 70 9.72 -6.35 -24.04
C PRO B 70 9.47 -4.93 -24.53
N ASP B 71 9.20 -4.77 -25.82
CA ASP B 71 9.18 -3.43 -26.39
C ASP B 71 8.01 -2.59 -25.86
N ASN B 72 6.83 -3.20 -25.70
CA ASN B 72 5.64 -2.37 -25.39
C ASN B 72 4.88 -2.84 -24.14
N GLY B 73 5.35 -3.90 -23.50
CA GLY B 73 4.76 -4.39 -22.25
C GLY B 73 3.47 -5.21 -22.46
N ALA B 74 3.11 -5.49 -23.72
CA ALA B 74 1.90 -6.28 -23.98
C ALA B 74 2.02 -7.69 -23.36
N LEU B 75 0.85 -8.28 -23.10
CA LEU B 75 0.74 -9.53 -22.39
C LEU B 75 0.24 -10.67 -23.29
N THR B 76 0.76 -11.86 -23.01
CA THR B 76 0.33 -13.10 -23.65
C THR B 76 0.15 -14.15 -22.56
N PHE B 77 -1.01 -14.79 -22.51
CA PHE B 77 -1.25 -15.83 -21.51
C PHE B 77 -0.24 -16.97 -21.70
N ALA B 78 0.46 -17.32 -20.62
CA ALA B 78 1.55 -18.31 -20.73
C ALA B 78 1.41 -19.51 -19.79
N GLY B 79 0.65 -19.39 -18.71
CA GLY B 79 0.57 -20.50 -17.79
C GLY B 79 -0.19 -20.15 -16.52
N GLU B 80 -0.35 -21.15 -15.65
N GLU B 80 -0.28 -21.12 -15.61
CA GLU B 80 -1.10 -20.98 -14.43
CA GLU B 80 -1.03 -20.94 -14.40
C GLU B 80 -0.79 -22.12 -13.47
C GLU B 80 -0.74 -22.11 -13.45
N ALA B 81 -1.17 -21.92 -12.20
CA ALA B 81 -1.10 -22.95 -11.17
C ALA B 81 -2.20 -22.67 -10.16
N ALA B 82 -2.74 -23.74 -9.59
CA ALA B 82 -3.77 -23.64 -8.60
C ALA B 82 -3.24 -23.08 -7.28
N LEU B 83 -4.12 -22.38 -6.56
CA LEU B 83 -3.82 -21.86 -5.23
C LEU B 83 -4.81 -22.44 -4.22
N PRO B 84 -4.44 -22.46 -2.92
CA PRO B 84 -5.29 -23.05 -1.89
C PRO B 84 -6.41 -22.13 -1.37
N GLY B 85 -6.52 -20.94 -1.95
CA GLY B 85 -7.53 -20.00 -1.55
C GLY B 85 -7.50 -18.80 -2.45
N SER B 86 -8.55 -18.00 -2.39
N SER B 86 -8.57 -18.00 -2.41
CA SER B 86 -8.66 -16.83 -3.23
CA SER B 86 -8.67 -16.80 -3.23
C SER B 86 -7.47 -15.91 -2.96
C SER B 86 -7.47 -15.91 -2.96
N PRO B 87 -6.65 -15.57 -3.99
CA PRO B 87 -5.49 -14.73 -3.77
C PRO B 87 -5.84 -13.25 -3.52
N THR B 88 -5.36 -12.72 -2.38
CA THR B 88 -5.60 -11.33 -1.98
C THR B 88 -4.38 -10.45 -2.33
N HIS B 89 -3.19 -11.03 -2.22
CA HIS B 89 -1.94 -10.34 -2.42
C HIS B 89 -0.95 -11.35 -2.99
N ILE B 90 -0.18 -10.91 -3.98
N ILE B 90 -0.20 -10.97 -4.02
CA ILE B 90 0.80 -11.73 -4.66
CA ILE B 90 0.85 -11.84 -4.49
C ILE B 90 2.11 -10.95 -4.70
C ILE B 90 2.10 -10.99 -4.67
N SER B 91 3.24 -11.67 -4.59
CA SER B 91 4.56 -11.05 -4.63
C SER B 91 5.56 -12.13 -4.97
N THR B 92 6.85 -11.76 -5.06
CA THR B 92 7.88 -12.79 -5.28
C THR B 92 8.99 -12.60 -4.24
N ASP B 93 9.91 -13.58 -4.18
CA ASP B 93 11.15 -13.38 -3.42
C ASP B 93 12.05 -12.46 -4.24
N ARG B 94 13.20 -12.10 -3.67
CA ARG B 94 14.06 -11.14 -4.33
C ARG B 94 14.67 -11.70 -5.64
N HIS B 95 14.79 -13.02 -5.76
CA HIS B 95 15.46 -13.63 -6.92
C HIS B 95 14.48 -14.16 -7.96
N GLY B 96 13.17 -13.99 -7.72
CA GLY B 96 12.18 -14.41 -8.69
C GLY B 96 12.09 -15.91 -8.85
N ARG B 97 12.27 -16.64 -7.74
CA ARG B 97 12.16 -18.09 -7.79
C ARG B 97 10.81 -18.58 -7.27
N PHE B 98 10.12 -17.72 -6.50
CA PHE B 98 8.86 -18.10 -5.89
C PHE B 98 7.84 -16.96 -5.95
N VAL B 99 6.58 -17.34 -6.07
CA VAL B 99 5.45 -16.45 -5.93
C VAL B 99 4.80 -16.77 -4.58
N PHE B 100 4.60 -15.75 -3.76
CA PHE B 100 3.89 -15.87 -2.49
C PHE B 100 2.45 -15.39 -2.68
N SER B 101 1.49 -16.15 -2.15
CA SER B 101 0.09 -15.73 -2.23
C SER B 101 -0.50 -15.71 -0.83
N ALA B 102 -1.02 -14.54 -0.43
CA ALA B 102 -1.77 -14.38 0.81
C ALA B 102 -3.25 -14.44 0.49
N SER B 103 -3.98 -15.31 1.20
CA SER B 103 -5.44 -15.44 1.02
C SER B 103 -6.15 -15.00 2.29
N TYR B 104 -6.90 -13.90 2.19
N TYR B 104 -6.93 -13.92 2.14
CA TYR B 104 -7.65 -13.42 3.33
CA TYR B 104 -7.69 -13.27 3.21
C TYR B 104 -8.73 -14.43 3.72
C TYR B 104 -8.87 -14.14 3.66
N ASN B 105 -9.50 -14.88 2.72
CA ASN B 105 -10.64 -15.73 3.02
C ASN B 105 -10.23 -17.09 3.63
N GLN B 106 -9.14 -17.69 3.14
N GLN B 106 -9.13 -17.68 3.14
CA GLN B 106 -8.69 -19.01 3.62
CA GLN B 106 -8.70 -19.00 3.64
C GLN B 106 -7.77 -18.85 4.83
C GLN B 106 -7.66 -18.88 4.75
N GLY B 107 -7.27 -17.65 5.08
CA GLY B 107 -6.37 -17.36 6.17
C GLY B 107 -5.04 -18.10 6.04
N CYS B 108 -4.41 -17.97 4.87
CA CYS B 108 -3.19 -18.73 4.62
C CYS B 108 -2.23 -17.96 3.69
N VAL B 109 -0.97 -18.38 3.75
CA VAL B 109 0.05 -17.93 2.81
C VAL B 109 0.62 -19.17 2.15
N SER B 110 0.81 -19.13 0.84
CA SER B 110 1.33 -20.28 0.09
C SER B 110 2.54 -19.85 -0.76
N VAL B 111 3.35 -20.84 -1.14
CA VAL B 111 4.50 -20.64 -2.00
C VAL B 111 4.32 -21.47 -3.28
N THR B 112 4.47 -20.77 -4.41
CA THR B 112 4.36 -21.32 -5.75
C THR B 112 5.75 -21.25 -6.38
N PRO B 113 6.31 -22.38 -6.84
CA PRO B 113 7.60 -22.33 -7.50
C PRO B 113 7.48 -21.82 -8.94
N LEU B 114 8.54 -21.17 -9.41
CA LEU B 114 8.62 -20.75 -10.81
C LEU B 114 9.68 -21.61 -11.49
N HIS B 115 9.30 -22.16 -12.64
N HIS B 115 9.32 -22.22 -12.61
CA HIS B 115 10.18 -22.97 -13.47
CA HIS B 115 10.29 -22.97 -13.42
C HIS B 115 10.22 -22.33 -14.84
C HIS B 115 10.25 -22.38 -14.82
N ASP B 116 11.37 -21.77 -15.22
CA ASP B 116 11.48 -21.05 -16.49
C ASP B 116 10.42 -19.94 -16.48
N GLY B 117 10.12 -19.44 -15.29
CA GLY B 117 9.18 -18.35 -15.12
C GLY B 117 7.73 -18.78 -15.02
N LEU B 118 7.44 -20.07 -15.19
CA LEU B 118 6.05 -20.51 -15.17
C LEU B 118 5.72 -21.13 -13.82
N PRO B 119 4.52 -20.86 -13.29
CA PRO B 119 4.17 -21.33 -11.96
C PRO B 119 3.83 -22.82 -11.92
N GLY B 120 4.29 -23.46 -10.85
CA GLY B 120 4.03 -24.88 -10.64
C GLY B 120 3.19 -25.11 -9.40
N GLU B 121 3.01 -26.39 -9.09
CA GLU B 121 2.23 -26.84 -7.97
C GLU B 121 2.79 -26.26 -6.66
N THR B 122 1.85 -25.81 -5.83
CA THR B 122 2.16 -25.24 -4.55
C THR B 122 3.14 -26.13 -3.76
N ILE B 123 4.17 -25.49 -3.17
CA ILE B 123 5.24 -26.13 -2.35
C ILE B 123 4.76 -26.34 -0.91
N THR B 124 4.13 -25.31 -0.34
CA THR B 124 3.70 -25.28 1.04
C THR B 124 2.55 -24.30 1.19
N VAL B 125 1.72 -24.53 2.21
N VAL B 125 1.72 -24.56 2.19
CA VAL B 125 0.60 -23.67 2.57
CA VAL B 125 0.64 -23.69 2.59
C VAL B 125 0.54 -23.60 4.09
C VAL B 125 0.71 -23.61 4.11
N VAL B 126 0.71 -22.38 4.63
CA VAL B 126 0.68 -22.15 6.05
C VAL B 126 -0.69 -21.57 6.38
N GLU B 127 -1.51 -22.38 7.05
CA GLU B 127 -2.84 -21.99 7.44
C GLU B 127 -2.82 -21.43 8.87
N GLY B 128 -3.98 -20.93 9.31
CA GLY B 128 -4.15 -20.41 10.68
C GLY B 128 -3.75 -18.96 10.84
N LEU B 129 -3.71 -18.24 9.71
CA LEU B 129 -3.35 -16.82 9.68
C LEU B 129 -4.62 -16.03 9.30
N GLU B 130 -5.51 -15.84 10.28
CA GLU B 130 -6.81 -15.27 9.99
C GLU B 130 -6.66 -13.87 9.39
N GLY B 131 -7.34 -13.65 8.26
CA GLY B 131 -7.30 -12.38 7.57
C GLY B 131 -5.96 -12.09 6.91
N CYS B 132 -5.19 -13.12 6.62
CA CYS B 132 -3.90 -12.97 5.92
C CYS B 132 -4.08 -12.01 4.73
N HIS B 133 -3.32 -10.91 4.69
CA HIS B 133 -3.63 -9.89 3.66
C HIS B 133 -2.44 -9.47 2.80
N SER B 134 -1.24 -9.96 3.10
CA SER B 134 -0.07 -9.70 2.28
C SER B 134 1.09 -10.59 2.76
N ALA B 135 2.06 -10.76 1.88
CA ALA B 135 3.28 -11.47 2.21
C ALA B 135 4.40 -10.65 1.59
N ASN B 136 5.39 -10.30 2.42
CA ASN B 136 6.36 -9.31 2.03
C ASN B 136 7.75 -9.80 2.39
N ILE B 137 8.54 -10.13 1.36
CA ILE B 137 9.90 -10.66 1.62
C ILE B 137 10.80 -9.55 2.17
N SER B 138 11.60 -9.90 3.19
CA SER B 138 12.51 -8.94 3.80
C SER B 138 13.57 -8.52 2.80
N PRO B 139 14.21 -7.35 3.01
CA PRO B 139 15.29 -6.93 2.10
C PRO B 139 16.42 -7.95 1.90
N ASP B 140 16.73 -8.75 2.92
CA ASP B 140 17.83 -9.74 2.83
C ASP B 140 17.35 -11.10 2.28
N ASN B 141 16.05 -11.22 1.96
CA ASN B 141 15.46 -12.41 1.33
C ASN B 141 15.31 -13.58 2.32
N ARG B 142 15.61 -13.39 3.61
CA ARG B 142 15.52 -14.51 4.56
C ARG B 142 14.13 -14.65 5.23
N THR B 143 13.40 -13.54 5.39
CA THR B 143 12.20 -13.55 6.24
C THR B 143 10.98 -13.02 5.50
N LEU B 144 9.89 -13.79 5.52
CA LEU B 144 8.65 -13.36 4.91
C LEU B 144 7.78 -12.74 6.01
N TRP B 145 7.43 -11.47 5.84
CA TRP B 145 6.58 -10.73 6.79
C TRP B 145 5.13 -10.87 6.30
N VAL B 146 4.27 -11.44 7.15
CA VAL B 146 2.92 -11.80 6.74
C VAL B 146 1.88 -11.24 7.69
N PRO B 147 1.29 -10.07 7.37
CA PRO B 147 0.19 -9.52 8.15
C PRO B 147 -1.02 -10.47 8.20
N ALA B 148 -1.39 -10.86 9.42
CA ALA B 148 -2.59 -11.63 9.68
C ALA B 148 -3.56 -10.62 10.27
N LEU B 149 -4.32 -9.97 9.39
CA LEU B 149 -5.05 -8.80 9.71
C LEU B 149 -5.98 -8.98 10.91
N LYS B 150 -6.66 -10.12 10.97
N LYS B 150 -6.65 -10.14 10.96
CA LYS B 150 -7.66 -10.33 12.01
CA LYS B 150 -7.66 -10.39 12.01
C LYS B 150 -7.02 -10.78 13.33
C LYS B 150 -7.04 -11.04 13.25
N GLN B 151 -5.70 -10.99 13.34
CA GLN B 151 -4.97 -11.46 14.53
C GLN B 151 -4.09 -10.33 15.09
N ASP B 152 -4.13 -9.15 14.45
CA ASP B 152 -3.35 -8.00 14.91
C ASP B 152 -1.88 -8.36 15.08
N ARG B 153 -1.35 -9.05 14.08
CA ARG B 153 0.03 -9.43 14.14
C ARG B 153 0.57 -9.56 12.72
N ILE B 154 1.89 -9.40 12.62
CA ILE B 154 2.64 -9.64 11.42
C ILE B 154 3.50 -10.87 11.71
N CYS B 155 3.20 -11.98 11.05
CA CYS B 155 3.90 -13.23 11.25
C CYS B 155 5.24 -13.18 10.50
N LEU B 156 6.24 -13.86 11.07
CA LEU B 156 7.60 -13.85 10.56
C LEU B 156 8.04 -15.28 10.27
N PHE B 157 8.35 -15.56 9.02
CA PHE B 157 8.75 -16.88 8.61
C PHE B 157 10.11 -16.85 7.91
N THR B 158 10.96 -17.81 8.23
CA THR B 158 12.16 -18.01 7.45
C THR B 158 11.78 -18.74 6.15
N LEU B 159 12.29 -18.20 5.04
CA LEU B 159 12.14 -18.77 3.74
C LEU B 159 13.39 -19.59 3.41
N SER B 160 13.21 -20.89 3.17
CA SER B 160 14.33 -21.75 2.77
C SER B 160 14.64 -21.58 1.28
N ASP B 161 15.81 -22.08 0.86
CA ASP B 161 16.24 -22.04 -0.52
C ASP B 161 15.26 -22.83 -1.40
N ASP B 162 14.57 -23.81 -0.82
CA ASP B 162 13.65 -24.65 -1.58
C ASP B 162 12.21 -24.10 -1.51
N GLY B 163 12.05 -22.94 -0.87
CA GLY B 163 10.74 -22.23 -0.86
C GLY B 163 9.82 -22.58 0.30
N PHE B 164 10.33 -23.25 1.34
CA PHE B 164 9.52 -23.59 2.50
C PHE B 164 9.53 -22.44 3.52
N LEU B 165 8.47 -22.37 4.35
CA LEU B 165 8.27 -21.34 5.36
C LEU B 165 8.09 -21.99 6.73
N SER B 166 8.87 -21.51 7.69
CA SER B 166 8.68 -21.98 9.05
C SER B 166 8.87 -20.80 10.01
N ALA B 167 8.09 -20.81 11.09
CA ALA B 167 8.07 -19.71 12.03
C ALA B 167 9.44 -19.44 12.63
N GLN B 168 9.74 -18.14 12.78
CA GLN B 168 10.96 -17.70 13.45
C GLN B 168 10.65 -17.52 14.92
N GLU B 169 11.68 -17.14 15.68
CA GLU B 169 11.51 -16.79 17.09
C GLU B 169 12.07 -15.38 17.26
N PRO B 170 11.23 -14.35 17.58
CA PRO B 170 9.79 -14.50 17.76
C PRO B 170 9.04 -14.78 16.45
N ALA B 171 7.87 -15.41 16.59
CA ALA B 171 7.05 -15.84 15.45
C ALA B 171 6.26 -14.66 14.85
N GLU B 172 6.22 -13.54 15.57
N GLU B 172 6.18 -13.54 15.57
CA GLU B 172 5.40 -12.42 15.11
CA GLU B 172 5.46 -12.40 15.03
C GLU B 172 5.77 -11.15 15.87
C GLU B 172 5.76 -11.15 15.85
N VAL B 173 5.33 -10.00 15.31
CA VAL B 173 5.30 -8.73 16.01
C VAL B 173 3.80 -8.39 16.06
N THR B 174 3.40 -7.63 17.07
CA THR B 174 1.99 -7.35 17.25
C THR B 174 1.69 -5.86 17.09
N THR B 175 0.45 -5.59 16.67
CA THR B 175 -0.06 -4.25 16.54
C THR B 175 -0.99 -3.96 17.71
N VAL B 176 -1.46 -2.72 17.87
N VAL B 176 -1.42 -2.70 17.77
CA VAL B 176 -2.45 -2.48 18.92
CA VAL B 176 -2.46 -2.26 18.65
C VAL B 176 -3.70 -3.29 18.56
C VAL B 176 -3.68 -3.14 18.38
N GLU B 177 -4.51 -3.63 19.57
N GLU B 177 -4.46 -3.38 19.43
CA GLU B 177 -5.71 -4.40 19.34
CA GLU B 177 -5.67 -4.18 19.34
C GLU B 177 -6.63 -3.64 18.39
C GLU B 177 -6.62 -3.54 18.33
N GLY B 178 -7.10 -4.35 17.36
CA GLY B 178 -8.06 -3.83 16.38
C GLY B 178 -7.44 -2.99 15.28
N ALA B 179 -6.11 -2.97 15.15
CA ALA B 179 -5.51 -2.13 14.11
C ALA B 179 -5.72 -2.72 12.71
N GLY B 180 -5.61 -4.05 12.59
CA GLY B 180 -5.80 -4.70 11.27
C GLY B 180 -4.63 -4.46 10.30
N PRO B 181 -3.41 -4.96 10.60
CA PRO B 181 -2.27 -4.79 9.70
C PRO B 181 -2.62 -5.43 8.34
N ARG B 182 -2.31 -4.70 7.25
CA ARG B 182 -2.83 -5.11 5.96
C ARG B 182 -1.71 -5.24 4.92
N HIS B 183 -1.15 -4.10 4.49
CA HIS B 183 -0.08 -4.04 3.48
C HIS B 183 1.15 -3.38 4.08
N MET B 184 2.31 -3.63 3.49
CA MET B 184 3.48 -2.97 4.01
C MET B 184 4.54 -2.85 2.90
N VAL B 185 5.52 -1.99 3.17
CA VAL B 185 6.65 -1.79 2.27
C VAL B 185 7.88 -1.56 3.15
N PHE B 186 9.05 -1.86 2.60
CA PHE B 186 10.30 -1.62 3.30
C PHE B 186 10.99 -0.38 2.70
N HIS B 187 11.66 0.37 3.58
CA HIS B 187 12.51 1.47 3.09
C HIS B 187 13.58 0.92 2.15
N PRO B 188 13.94 1.64 1.08
CA PRO B 188 15.02 1.19 0.20
C PRO B 188 16.36 0.96 0.93
N ASN B 189 16.59 1.65 2.04
CA ASN B 189 17.86 1.52 2.80
C ASN B 189 17.89 0.21 3.59
N GLN B 190 16.78 -0.53 3.58
CA GLN B 190 16.66 -1.92 4.14
C GLN B 190 16.57 -1.94 5.67
N GLN B 191 16.45 -0.78 6.34
CA GLN B 191 16.53 -0.75 7.82
C GLN B 191 15.16 -0.65 8.51
N TYR B 192 14.14 -0.22 7.77
CA TYR B 192 12.81 0.04 8.32
C TYR B 192 11.74 -0.51 7.36
N GLY B 193 10.60 -0.89 7.97
CA GLY B 193 9.39 -1.25 7.25
C GLY B 193 8.22 -0.40 7.73
N TYR B 194 7.21 -0.28 6.87
CA TYR B 194 6.05 0.54 7.15
C TYR B 194 4.81 -0.28 6.82
N CYS B 195 3.93 -0.43 7.81
CA CYS B 195 2.72 -1.21 7.63
C CYS B 195 1.50 -0.29 7.77
N VAL B 196 0.57 -0.40 6.83
CA VAL B 196 -0.70 0.31 6.91
C VAL B 196 -1.73 -0.62 7.57
N ASN B 197 -2.40 -0.11 8.61
CA ASN B 197 -3.41 -0.81 9.37
C ASN B 197 -4.78 -0.34 8.91
N GLU B 198 -5.58 -1.30 8.41
CA GLU B 198 -6.88 -1.01 7.83
C GLU B 198 -7.86 -0.36 8.81
N LEU B 199 -8.06 -1.01 9.95
CA LEU B 199 -9.23 -0.71 10.79
C LEU B 199 -9.05 0.53 11.67
N ASN B 200 -7.81 0.99 11.84
CA ASN B 200 -7.65 2.24 12.55
C ASN B 200 -6.88 3.25 11.70
N SER B 201 -6.74 2.98 10.38
CA SER B 201 -6.07 3.89 9.41
C SER B 201 -4.87 4.56 10.06
N SER B 202 -3.88 3.73 10.40
CA SER B 202 -2.64 4.16 11.01
C SER B 202 -1.47 3.50 10.26
N ILE B 203 -0.30 4.12 10.41
CA ILE B 203 0.93 3.60 9.87
C ILE B 203 1.87 3.29 11.04
N ASP B 204 2.38 2.07 11.07
CA ASP B 204 3.40 1.65 12.04
C ASP B 204 4.75 1.61 11.34
N VAL B 205 5.76 2.23 11.98
CA VAL B 205 7.14 2.21 11.53
C VAL B 205 7.83 1.09 12.31
N TRP B 206 8.34 0.10 11.58
CA TRP B 206 9.02 -1.05 12.13
C TRP B 206 10.53 -0.97 11.89
N GLU B 207 11.31 -0.93 12.98
CA GLU B 207 12.76 -1.01 12.92
C GLU B 207 13.12 -2.50 12.79
N LEU B 208 13.81 -2.89 11.72
CA LEU B 208 14.06 -4.30 11.50
C LEU B 208 15.01 -4.89 12.55
N LYS B 209 16.02 -4.11 12.95
CA LYS B 209 17.02 -4.64 13.91
C LYS B 209 17.57 -3.49 14.75
N ASP B 210 17.00 -3.33 15.92
CA ASP B 210 17.34 -2.25 16.81
C ASP B 210 18.66 -2.58 17.51
N PRO B 211 19.17 -1.70 18.38
CA PRO B 211 20.44 -1.96 19.05
C PRO B 211 20.49 -3.30 19.80
N LYS B 212 19.34 -3.78 20.29
CA LYS B 212 19.28 -5.05 21.04
C LYS B 212 19.06 -6.24 20.10
N GLY B 213 19.00 -5.97 18.78
CA GLY B 213 18.83 -7.01 17.77
C GLY B 213 17.36 -7.38 17.54
N ASN B 214 16.45 -6.53 18.01
CA ASN B 214 15.00 -6.85 17.95
C ASN B 214 14.24 -6.00 16.93
N ILE B 215 13.12 -6.57 16.44
CA ILE B 215 12.18 -5.83 15.61
C ILE B 215 11.34 -5.03 16.58
N GLU B 216 11.20 -3.72 16.33
CA GLU B 216 10.47 -2.86 17.25
C GLU B 216 9.68 -1.81 16.49
N CYS B 217 8.48 -1.52 16.98
CA CYS B 217 7.66 -0.46 16.43
C CYS B 217 8.12 0.86 17.07
N VAL B 218 8.68 1.75 16.26
CA VAL B 218 9.25 2.97 16.78
C VAL B 218 8.37 4.21 16.52
N GLN B 219 7.24 4.04 15.82
CA GLN B 219 6.35 5.14 15.62
C GLN B 219 5.02 4.60 15.08
N THR B 220 3.94 5.27 15.46
CA THR B 220 2.60 4.99 14.94
C THR B 220 1.98 6.36 14.64
N LEU B 221 1.50 6.52 13.40
N LEU B 221 1.43 6.49 13.43
CA LEU B 221 0.86 7.75 12.98
CA LEU B 221 0.90 7.78 12.97
C LEU B 221 -0.54 7.48 12.45
C LEU B 221 -0.47 7.61 12.31
N ASP B 222 -1.43 8.42 12.75
CA ASP B 222 -2.78 8.42 12.23
C ASP B 222 -2.70 9.01 10.81
N MET B 223 -3.27 8.32 9.81
N MET B 223 -3.29 8.35 9.82
CA MET B 223 -3.19 8.87 8.44
CA MET B 223 -3.19 8.89 8.46
C MET B 223 -4.39 9.78 8.13
C MET B 223 -4.38 9.80 8.14
N MET B 224 -5.36 9.91 9.05
CA MET B 224 -6.59 10.67 8.73
C MET B 224 -6.53 12.13 9.20
N PRO B 225 -7.21 13.04 8.47
CA PRO B 225 -7.30 14.43 8.88
C PRO B 225 -7.98 14.52 10.23
N PRO B 226 -7.78 15.65 10.96
N PRO B 226 -7.53 15.42 11.14
CA PRO B 226 -8.43 15.88 12.24
CA PRO B 226 -8.09 15.48 12.49
C PRO B 226 -9.96 15.87 12.23
C PRO B 226 -9.62 15.51 12.57
N ASP B 227 -10.56 16.32 11.13
N ASP B 227 -10.28 16.05 11.53
CA ASP B 227 -12.02 16.38 11.11
CA ASP B 227 -11.75 16.22 11.54
C ASP B 227 -12.63 15.02 10.76
C ASP B 227 -12.46 15.14 10.70
N PHE B 228 -11.79 14.00 10.51
CA PHE B 228 -12.39 12.76 9.96
C PHE B 228 -13.13 12.03 11.09
N SER B 229 -14.38 11.63 10.84
CA SER B 229 -15.16 10.94 11.86
C SER B 229 -15.95 9.76 11.26
N GLY B 230 -15.56 9.32 10.06
CA GLY B 230 -16.18 8.16 9.42
C GLY B 230 -15.51 6.86 9.85
N VAL B 231 -15.86 5.79 9.12
CA VAL B 231 -15.30 4.47 9.38
C VAL B 231 -13.95 4.35 8.69
N ARG B 232 -12.91 4.05 9.46
CA ARG B 232 -11.55 3.90 8.94
C ARG B 232 -11.49 2.62 8.09
N TRP B 233 -10.90 2.73 6.90
CA TRP B 233 -10.85 1.63 5.97
C TRP B 233 -9.62 1.80 5.06
N ALA B 234 -8.44 1.82 5.69
CA ALA B 234 -7.20 2.03 4.96
C ALA B 234 -6.87 0.83 4.07
N ALA B 235 -6.03 1.09 3.07
CA ALA B 235 -5.75 0.06 2.06
C ALA B 235 -4.26 -0.08 1.76
N ASP B 236 -3.73 0.79 0.88
CA ASP B 236 -2.42 0.57 0.29
C ASP B 236 -1.37 1.54 0.84
N ILE B 237 -0.10 1.17 0.64
CA ILE B 237 1.04 1.94 1.11
C ILE B 237 2.21 1.73 0.14
N HIS B 238 2.89 2.81 -0.24
CA HIS B 238 4.06 2.78 -1.13
C HIS B 238 5.05 3.86 -0.74
N ILE B 239 6.35 3.60 -0.99
CA ILE B 239 7.41 4.58 -0.70
C ILE B 239 8.22 4.81 -1.98
N THR B 240 8.64 6.05 -2.20
CA THR B 240 9.45 6.38 -3.38
C THR B 240 10.81 5.69 -3.32
N PRO B 241 11.41 5.36 -4.47
CA PRO B 241 12.72 4.72 -4.50
C PRO B 241 13.83 5.55 -3.82
N ASP B 242 13.65 6.87 -3.79
CA ASP B 242 14.64 7.74 -3.15
C ASP B 242 14.44 7.80 -1.63
N GLY B 243 13.38 7.13 -1.13
CA GLY B 243 13.05 6.98 0.30
C GLY B 243 12.52 8.24 0.96
N ARG B 244 12.27 9.29 0.16
N ARG B 244 12.26 9.30 0.17
CA ARG B 244 11.91 10.62 0.70
CA ARG B 244 11.90 10.62 0.76
C ARG B 244 10.39 10.77 0.98
C ARG B 244 10.38 10.75 1.01
N HIS B 245 9.55 10.02 0.27
CA HIS B 245 8.11 10.22 0.36
C HIS B 245 7.38 8.88 0.51
N LEU B 246 6.40 8.86 1.41
CA LEU B 246 5.57 7.67 1.62
C LEU B 246 4.10 8.09 1.53
N TYR B 247 3.29 7.22 0.91
CA TYR B 247 1.90 7.47 0.67
C TYR B 247 1.05 6.30 1.14
N ALA B 248 -0.15 6.61 1.67
CA ALA B 248 -1.11 5.57 2.03
C ALA B 248 -2.51 6.06 1.69
N CYS B 249 -3.44 5.14 1.45
CA CYS B 249 -4.78 5.59 1.05
C CYS B 249 -5.86 4.98 1.95
N ASP B 250 -6.96 5.73 2.06
CA ASP B 250 -8.15 5.34 2.81
C ASP B 250 -9.37 5.33 1.88
N ARG B 251 -10.10 4.23 1.94
CA ARG B 251 -11.22 3.98 1.04
C ARG B 251 -12.48 4.77 1.39
N THR B 252 -12.65 5.11 2.67
CA THR B 252 -13.85 5.82 3.10
C THR B 252 -13.73 7.32 2.76
N ALA B 253 -12.60 7.91 3.10
CA ALA B 253 -12.39 9.33 2.87
C ALA B 253 -11.97 9.62 1.42
N SER B 254 -11.57 8.58 0.68
CA SER B 254 -11.06 8.75 -0.68
C SER B 254 -9.93 9.79 -0.70
N ILE B 255 -8.90 9.53 0.11
CA ILE B 255 -7.72 10.38 0.16
C ILE B 255 -6.45 9.52 0.07
N ILE B 256 -5.38 10.20 -0.35
CA ILE B 256 -4.04 9.72 -0.24
C ILE B 256 -3.35 10.65 0.76
N THR B 257 -2.86 10.06 1.85
CA THR B 257 -2.12 10.83 2.81
C THR B 257 -0.66 10.84 2.38
N VAL B 258 -0.08 12.05 2.39
CA VAL B 258 1.31 12.25 2.02
C VAL B 258 2.16 12.39 3.27
N PHE B 259 3.21 11.56 3.33
CA PHE B 259 4.13 11.60 4.44
C PHE B 259 5.55 11.89 3.95
N SER B 260 6.29 12.66 4.74
CA SER B 260 7.72 12.79 4.52
C SER B 260 8.41 11.75 5.41
N VAL B 261 9.57 11.29 4.94
CA VAL B 261 10.37 10.27 5.63
C VAL B 261 11.73 10.87 5.96
N SER B 262 12.11 10.77 7.24
CA SER B 262 13.42 11.29 7.65
C SER B 262 14.51 10.59 6.83
N GLU B 263 15.72 11.17 6.84
CA GLU B 263 16.84 10.66 6.05
C GLU B 263 17.13 9.18 6.37
N ASP B 264 17.09 8.82 7.66
CA ASP B 264 17.46 7.45 8.07
C ASP B 264 16.26 6.49 8.01
N GLY B 265 15.07 7.03 7.72
CA GLY B 265 13.87 6.20 7.56
C GLY B 265 13.07 5.98 8.84
N SER B 266 13.55 6.52 9.98
CA SER B 266 12.91 6.17 11.26
C SER B 266 11.69 7.01 11.64
N VAL B 267 11.49 8.18 11.02
CA VAL B 267 10.43 9.11 11.43
C VAL B 267 9.61 9.58 10.23
N LEU B 268 8.29 9.44 10.34
CA LEU B 268 7.35 9.94 9.35
C LEU B 268 6.68 11.20 9.88
N ALA B 269 6.22 12.05 8.96
CA ALA B 269 5.46 13.24 9.29
C ALA B 269 4.42 13.47 8.19
N VAL B 270 3.19 13.81 8.61
CA VAL B 270 2.11 14.10 7.69
C VAL B 270 2.37 15.46 7.02
N GLU B 271 2.37 15.46 5.69
CA GLU B 271 2.60 16.69 4.93
C GLU B 271 1.29 17.22 4.36
N GLY B 272 0.34 16.33 4.08
CA GLY B 272 -0.93 16.75 3.55
C GLY B 272 -1.80 15.58 3.15
N TYR B 273 -3.01 15.91 2.71
CA TYR B 273 -4.02 14.94 2.29
C TYR B 273 -4.49 15.30 0.89
N GLN B 274 -4.54 14.31 0.00
CA GLN B 274 -4.92 14.53 -1.35
C GLN B 274 -6.21 13.80 -1.68
N PRO B 275 -7.32 14.52 -1.95
N PRO B 275 -7.29 14.54 -2.06
CA PRO B 275 -8.53 13.86 -2.45
CA PRO B 275 -8.54 13.89 -2.48
C PRO B 275 -8.20 13.14 -3.76
C PRO B 275 -8.27 13.17 -3.80
N THR B 276 -8.73 11.92 -3.91
CA THR B 276 -8.43 11.12 -5.08
C THR B 276 -9.67 10.39 -5.59
N GLU B 277 -9.41 9.52 -6.58
CA GLU B 277 -10.42 8.71 -7.24
C GLU B 277 -11.25 7.98 -6.17
N THR B 278 -12.57 7.98 -6.36
CA THR B 278 -13.47 7.48 -5.32
C THR B 278 -13.15 6.03 -4.94
N GLN B 279 -13.04 5.81 -3.63
CA GLN B 279 -12.74 4.53 -2.99
C GLN B 279 -11.40 3.99 -3.52
N PRO B 280 -10.29 4.65 -3.16
CA PRO B 280 -8.97 4.19 -3.60
C PRO B 280 -8.47 2.99 -2.78
N ARG B 281 -8.48 1.82 -3.41
CA ARG B 281 -7.97 0.61 -2.79
C ARG B 281 -6.50 0.41 -3.18
N GLY B 282 -6.20 0.62 -4.46
CA GLY B 282 -4.83 0.38 -4.93
C GLY B 282 -4.27 1.57 -5.70
N PHE B 283 -2.98 1.80 -5.50
CA PHE B 283 -2.25 2.81 -6.25
C PHE B 283 -0.80 2.32 -6.32
N ASN B 284 0.03 3.03 -7.08
CA ASN B 284 1.43 2.73 -7.05
C ASN B 284 2.20 3.97 -7.51
N LEU B 285 3.52 3.82 -7.52
CA LEU B 285 4.45 4.85 -7.93
C LEU B 285 5.20 4.33 -9.16
N ASP B 286 5.65 5.25 -10.01
CA ASP B 286 6.46 4.83 -11.14
C ASP B 286 7.86 4.52 -10.61
N HIS B 287 8.73 4.10 -11.52
CA HIS B 287 10.06 3.64 -11.15
C HIS B 287 10.97 4.81 -10.78
N SER B 288 10.63 6.04 -11.19
CA SER B 288 11.45 7.19 -10.90
C SER B 288 11.05 7.84 -9.57
N GLY B 289 9.81 7.59 -9.13
CA GLY B 289 9.27 8.28 -7.97
C GLY B 289 8.75 9.67 -8.29
N LYS B 290 8.64 10.01 -9.58
CA LYS B 290 8.08 11.29 -10.03
C LYS B 290 6.56 11.24 -10.22
N TYR B 291 5.97 10.04 -10.29
CA TYR B 291 4.54 9.91 -10.55
C TYR B 291 3.86 8.93 -9.59
N LEU B 292 2.63 9.29 -9.17
CA LEU B 292 1.76 8.41 -8.39
C LEU B 292 0.54 8.14 -9.25
N ILE B 293 0.14 6.88 -9.36
CA ILE B 293 -1.01 6.50 -10.18
C ILE B 293 -2.00 5.79 -9.26
N ALA B 294 -3.20 6.38 -9.12
CA ALA B 294 -4.21 5.87 -8.19
C ALA B 294 -5.48 5.43 -8.92
N ALA B 295 -5.99 4.27 -8.51
CA ALA B 295 -7.25 3.75 -9.05
C ALA B 295 -8.40 4.02 -8.09
N GLY B 296 -9.58 4.33 -8.65
CA GLY B 296 -10.80 4.49 -7.85
C GLY B 296 -11.72 3.30 -8.05
N GLN B 297 -11.90 2.51 -6.99
CA GLN B 297 -12.77 1.34 -7.11
C GLN B 297 -14.21 1.75 -7.48
N LYS B 298 -14.59 2.98 -7.14
CA LYS B 298 -15.94 3.44 -7.46
C LYS B 298 -15.97 4.54 -8.53
N SER B 299 -14.79 4.93 -9.07
CA SER B 299 -14.72 5.90 -10.16
C SER B 299 -14.47 5.21 -11.50
N HIS B 300 -13.82 4.04 -11.49
CA HIS B 300 -13.51 3.29 -12.72
C HIS B 300 -12.49 4.05 -13.58
N HIS B 301 -11.68 4.88 -12.93
CA HIS B 301 -10.63 5.60 -13.58
C HIS B 301 -9.36 5.50 -12.74
N ILE B 302 -8.22 5.74 -13.40
CA ILE B 302 -6.95 5.96 -12.72
C ILE B 302 -6.57 7.43 -12.93
N ALA B 303 -5.97 8.01 -11.90
CA ALA B 303 -5.43 9.37 -11.95
C ALA B 303 -3.91 9.32 -11.83
N VAL B 304 -3.25 10.11 -12.68
CA VAL B 304 -1.79 10.27 -12.67
C VAL B 304 -1.48 11.61 -12.00
N TYR B 305 -0.58 11.59 -11.01
CA TYR B 305 -0.17 12.78 -10.28
C TYR B 305 1.34 12.95 -10.35
N ASP B 306 1.76 14.21 -10.55
CA ASP B 306 3.15 14.57 -10.34
C ASP B 306 3.41 14.56 -8.82
N ILE B 307 4.58 14.06 -8.41
CA ILE B 307 5.06 14.20 -7.04
C ILE B 307 5.99 15.43 -7.06
N VAL B 308 5.62 16.43 -6.26
CA VAL B 308 6.26 17.73 -6.36
C VAL B 308 6.91 18.20 -5.06
N GLY B 309 8.14 18.70 -5.23
CA GLY B 309 8.85 19.42 -4.18
C GLY B 309 9.29 18.59 -3.00
N GLU B 310 9.81 19.29 -2.00
CA GLU B 310 10.36 18.66 -0.86
C GLU B 310 9.27 17.89 -0.10
N GLN B 311 8.04 18.42 -0.09
CA GLN B 311 6.97 17.77 0.65
C GLN B 311 6.38 16.58 -0.12
N GLY B 312 6.68 16.46 -1.41
CA GLY B 312 6.12 15.35 -2.19
C GLY B 312 4.61 15.41 -2.34
N LEU B 313 4.05 16.62 -2.31
CA LEU B 313 2.62 16.77 -2.53
C LEU B 313 2.27 16.40 -3.98
N LEU B 314 0.99 16.13 -4.22
CA LEU B 314 0.52 15.59 -5.50
C LEU B 314 -0.19 16.65 -6.32
N GLN B 315 0.10 16.65 -7.63
CA GLN B 315 -0.56 17.58 -8.58
C GLN B 315 -1.10 16.73 -9.73
N GLU B 316 -2.43 16.72 -9.88
CA GLU B 316 -3.03 15.85 -10.91
C GLU B 316 -2.56 16.26 -12.30
N LYS B 317 -2.25 15.27 -13.12
CA LYS B 317 -1.80 15.54 -14.45
C LYS B 317 -2.81 15.02 -15.48
N GLY B 318 -3.39 13.86 -15.21
CA GLY B 318 -4.33 13.27 -16.14
C GLY B 318 -5.16 12.18 -15.50
N ARG B 319 -6.25 11.85 -16.19
N ARG B 319 -6.33 11.90 -16.07
CA ARG B 319 -7.21 10.87 -15.75
CA ARG B 319 -7.10 10.75 -15.58
C ARG B 319 -7.54 9.95 -16.91
C ARG B 319 -7.63 9.98 -16.80
N TYR B 320 -7.71 8.66 -16.62
CA TYR B 320 -7.95 7.70 -17.68
C TYR B 320 -8.94 6.65 -17.23
N ALA B 321 -9.90 6.36 -18.12
CA ALA B 321 -10.87 5.30 -17.85
C ALA B 321 -10.21 3.91 -17.97
N VAL B 322 -10.52 3.05 -17.02
CA VAL B 322 -10.08 1.65 -17.11
C VAL B 322 -11.36 0.79 -17.08
N GLY B 323 -11.33 -0.36 -16.40
CA GLY B 323 -12.49 -1.19 -16.31
C GLY B 323 -13.29 -0.89 -15.05
N GLN B 324 -14.18 -1.82 -14.69
N GLN B 324 -14.20 -1.80 -14.70
CA GLN B 324 -15.04 -1.62 -13.55
CA GLN B 324 -15.03 -1.58 -13.55
C GLN B 324 -14.32 -2.07 -12.27
C GLN B 324 -14.32 -2.07 -12.27
N GLY B 325 -14.34 -1.21 -11.26
CA GLY B 325 -13.79 -1.52 -9.94
C GLY B 325 -12.29 -1.74 -9.92
N PRO B 326 -11.46 -0.87 -10.53
CA PRO B 326 -10.02 -1.08 -10.51
C PRO B 326 -9.49 -0.96 -9.08
N MET B 327 -8.53 -1.83 -8.74
CA MET B 327 -8.05 -1.86 -7.37
C MET B 327 -6.60 -2.32 -7.26
N TRP B 328 -5.87 -2.32 -8.37
CA TRP B 328 -4.45 -2.70 -8.33
C TRP B 328 -3.71 -2.01 -9.48
N VAL B 329 -2.53 -1.48 -9.17
CA VAL B 329 -1.70 -0.78 -10.14
C VAL B 329 -0.25 -1.23 -9.91
N VAL B 330 0.44 -1.56 -11.00
CA VAL B 330 1.90 -1.81 -10.93
C VAL B 330 2.53 -1.15 -12.14
N VAL B 331 3.79 -0.72 -11.98
CA VAL B 331 4.52 -0.01 -13.02
C VAL B 331 5.85 -0.74 -13.27
N ASN B 332 6.18 -0.93 -14.53
CA ASN B 332 7.41 -1.58 -14.94
C ASN B 332 8.20 -0.68 -15.89
N ALA B 333 9.47 -0.42 -15.55
CA ALA B 333 10.40 0.28 -16.45
C ALA B 333 11.14 -0.74 -17.33
N HIS B 334 11.35 -0.40 -18.61
CA HIS B 334 11.97 -1.33 -19.53
C HIS B 334 12.64 -0.59 -20.68
N SER C 1 -47.01 12.35 -5.28
CA SER C 1 -47.08 12.43 -3.80
C SER C 1 -47.75 11.17 -3.23
N ASN C 2 -47.31 10.72 -2.05
CA ASN C 2 -47.98 9.57 -1.44
C ASN C 2 -49.34 9.98 -0.85
N ALA C 3 -49.61 11.29 -0.71
CA ALA C 3 -50.91 11.76 -0.21
C ALA C 3 -51.25 11.14 1.16
N MET C 4 -50.21 10.85 1.95
CA MET C 4 -50.38 10.28 3.27
C MET C 4 -50.07 11.30 4.38
N LYS C 5 -50.74 11.06 5.52
CA LYS C 5 -50.54 11.73 6.78
C LYS C 5 -49.96 10.66 7.73
N GLN C 6 -48.74 10.89 8.24
CA GLN C 6 -48.07 9.83 9.02
C GLN C 6 -47.42 10.40 10.28
N THR C 7 -47.16 9.49 11.22
CA THR C 7 -46.47 9.78 12.45
C THR C 7 -45.29 8.83 12.62
N VAL C 8 -44.15 9.37 13.02
CA VAL C 8 -42.94 8.60 13.28
C VAL C 8 -42.71 8.57 14.78
N TYR C 9 -42.50 7.37 15.33
CA TYR C 9 -42.19 7.20 16.73
C TYR C 9 -40.76 6.67 16.85
N THR C 10 -39.97 7.27 17.74
CA THR C 10 -38.61 6.80 17.96
C THR C 10 -38.38 6.54 19.45
N ALA C 11 -37.61 5.49 19.76
CA ALA C 11 -37.23 5.14 21.13
C ALA C 11 -35.78 5.52 21.37
N SER C 12 -35.57 6.31 22.43
CA SER C 12 -34.24 6.76 22.88
C SER C 12 -34.06 6.26 24.32
N PRO C 13 -33.70 4.98 24.51
CA PRO C 13 -33.64 4.42 25.86
C PRO C 13 -32.67 5.08 26.84
N GLU C 14 -31.57 5.65 26.34
CA GLU C 14 -30.55 6.19 27.28
C GLU C 14 -31.10 7.44 27.97
N SER C 15 -32.01 8.19 27.31
CA SER C 15 -32.60 9.36 27.93
C SER C 15 -34.06 9.05 28.33
N GLN C 16 -34.47 7.79 28.18
CA GLN C 16 -35.81 7.31 28.58
C GLN C 16 -36.91 8.13 27.90
N GLN C 17 -36.75 8.36 26.59
CA GLN C 17 -37.70 9.13 25.83
C GLN C 17 -38.24 8.41 24.60
N ILE C 18 -39.49 8.74 24.30
CA ILE C 18 -40.15 8.44 23.03
C ILE C 18 -40.41 9.79 22.36
N HIS C 19 -39.96 9.94 21.11
CA HIS C 19 -40.23 11.15 20.32
C HIS C 19 -41.30 10.79 19.30
N VAL C 20 -42.21 11.75 19.10
CA VAL C 20 -43.34 11.63 18.19
C VAL C 20 -43.22 12.75 17.17
N TRP C 21 -43.18 12.39 15.89
CA TRP C 21 -43.00 13.34 14.80
C TRP C 21 -44.11 13.20 13.76
N SER C 22 -44.61 14.33 13.27
N SER C 22 -44.59 14.34 13.28
CA SER C 22 -45.53 14.28 12.13
CA SER C 22 -45.46 14.36 12.12
C SER C 22 -44.70 14.31 10.84
C SER C 22 -44.57 14.21 10.90
N LEU C 23 -44.96 13.34 9.96
CA LEU C 23 -44.26 13.16 8.67
C LEU C 23 -45.23 13.53 7.55
N GLU C 24 -44.92 14.60 6.84
CA GLU C 24 -45.73 15.00 5.70
C GLU C 24 -45.28 14.23 4.46
N ALA C 25 -46.12 14.28 3.42
CA ALA C 25 -45.84 13.59 2.19
C ALA C 25 -44.50 14.05 1.59
N ASP C 26 -44.15 15.31 1.84
CA ASP C 26 -42.92 15.87 1.28
C ASP C 26 -41.67 15.46 2.08
N GLY C 27 -41.83 14.64 3.13
CA GLY C 27 -40.69 14.11 3.88
C GLY C 27 -40.28 14.94 5.09
N LYS C 28 -40.87 16.11 5.27
CA LYS C 28 -40.52 16.96 6.39
C LYS C 28 -41.10 16.42 7.71
N LEU C 29 -40.29 16.42 8.78
CA LEU C 29 -40.77 16.05 10.11
C LEU C 29 -40.99 17.31 10.96
N THR C 30 -42.01 17.24 11.80
CA THR C 30 -42.33 18.28 12.79
C THR C 30 -42.55 17.60 14.14
N LEU C 31 -41.86 18.08 15.18
CA LEU C 31 -42.00 17.46 16.53
C LEU C 31 -43.42 17.65 17.06
N VAL C 32 -44.02 16.53 17.47
CA VAL C 32 -45.39 16.54 18.01
C VAL C 32 -45.36 16.37 19.54
N GLN C 33 -44.47 15.50 20.04
CA GLN C 33 -44.52 15.18 21.45
C GLN C 33 -43.20 14.52 21.87
N VAL C 34 -42.81 14.74 23.13
CA VAL C 34 -41.73 13.99 23.75
C VAL C 34 -42.29 13.34 25.02
N VAL C 35 -42.18 12.02 25.10
CA VAL C 35 -42.67 11.30 26.26
C VAL C 35 -41.51 10.81 27.12
N ASP C 36 -41.63 11.04 28.43
CA ASP C 36 -40.73 10.50 29.42
C ASP C 36 -41.27 9.14 29.85
N ALA C 37 -40.59 8.06 29.43
CA ALA C 37 -41.01 6.72 29.77
C ALA C 37 -40.52 6.34 31.16
N PRO C 38 -41.22 5.43 31.86
CA PRO C 38 -40.80 4.98 33.20
C PRO C 38 -39.70 3.91 33.13
N GLY C 39 -38.60 4.26 32.49
CA GLY C 39 -37.53 3.36 32.28
C GLY C 39 -37.00 3.48 30.87
N GLN C 40 -36.12 2.55 30.51
N GLN C 40 -36.10 2.56 30.53
CA GLN C 40 -35.49 2.55 29.19
CA GLN C 40 -35.56 2.51 29.21
C GLN C 40 -36.37 1.77 28.21
C GLN C 40 -36.55 1.78 28.33
N VAL C 41 -37.10 2.51 27.35
CA VAL C 41 -37.97 1.90 26.34
C VAL C 41 -37.12 1.55 25.13
N GLN C 42 -37.26 0.31 24.65
N GLN C 42 -37.31 0.33 24.61
CA GLN C 42 -36.53 -0.15 23.46
CA GLN C 42 -36.52 -0.16 23.50
C GLN C 42 -37.52 -0.54 22.37
C GLN C 42 -37.44 -0.59 22.33
N PRO C 43 -38.04 -1.79 22.29
CA PRO C 43 -38.88 -2.14 21.15
C PRO C 43 -40.26 -1.50 21.21
N MET C 44 -40.80 -1.23 20.02
CA MET C 44 -42.13 -0.62 19.90
C MET C 44 -42.88 -1.23 18.71
N VAL C 45 -44.20 -1.28 18.83
CA VAL C 45 -45.04 -1.71 17.72
C VAL C 45 -46.38 -0.98 17.79
N VAL C 46 -46.91 -0.62 16.62
CA VAL C 46 -48.24 -0.03 16.53
C VAL C 46 -49.26 -1.17 16.40
N SER C 47 -50.35 -1.04 17.15
CA SER C 47 -51.39 -2.06 17.07
C SER C 47 -51.96 -2.11 15.66
N PRO C 48 -52.44 -3.27 15.20
CA PRO C 48 -53.07 -3.34 13.89
C PRO C 48 -54.21 -2.33 13.70
N ASN C 49 -54.99 -2.05 14.76
CA ASN C 49 -56.13 -1.13 14.64
C ASN C 49 -55.70 0.33 14.85
N LYS C 50 -54.40 0.55 15.11
CA LYS C 50 -53.79 1.88 15.24
C LYS C 50 -54.27 2.65 16.48
N GLU C 51 -54.87 1.97 17.46
CA GLU C 51 -55.32 2.65 18.65
C GLU C 51 -54.19 2.76 19.68
N PHE C 52 -53.19 1.88 19.60
CA PHE C 52 -52.17 1.84 20.62
C PHE C 52 -50.76 1.70 20.07
N LEU C 53 -49.82 2.25 20.83
CA LEU C 53 -48.42 1.98 20.66
C LEU C 53 -48.01 1.11 21.86
N TYR C 54 -47.54 -0.10 21.60
CA TYR C 54 -47.03 -1.01 22.61
C TYR C 54 -45.51 -0.91 22.63
N VAL C 55 -44.94 -0.77 23.81
CA VAL C 55 -43.48 -0.62 23.91
C VAL C 55 -42.98 -1.50 25.05
N GLY C 56 -41.75 -2.00 24.89
CA GLY C 56 -41.06 -2.77 25.92
C GLY C 56 -40.16 -1.87 26.75
N VAL C 57 -40.22 -2.05 28.07
CA VAL C 57 -39.41 -1.26 28.97
C VAL C 57 -38.67 -2.15 29.97
N ARG C 58 -37.53 -1.65 30.43
N ARG C 58 -37.54 -1.64 30.46
CA ARG C 58 -36.73 -2.22 31.51
CA ARG C 58 -36.73 -2.23 31.52
C ARG C 58 -36.30 -1.04 32.38
C ARG C 58 -36.28 -1.05 32.37
N PRO C 59 -35.84 -1.21 33.64
CA PRO C 59 -35.68 -2.52 34.29
C PRO C 59 -36.92 -3.18 34.89
N GLU C 60 -38.04 -2.47 34.97
CA GLU C 60 -39.26 -3.13 35.45
C GLU C 60 -39.90 -3.75 34.20
N PHE C 61 -39.51 -5.01 33.91
CA PHE C 61 -39.83 -5.62 32.61
C PHE C 61 -41.32 -5.62 32.34
N ARG C 62 -41.73 -4.89 31.29
CA ARG C 62 -43.13 -4.74 31.02
C ARG C 62 -43.39 -4.38 29.56
N VAL C 63 -44.61 -4.64 29.11
N VAL C 63 -44.63 -4.64 29.16
CA VAL C 63 -45.10 -4.02 27.88
CA VAL C 63 -45.26 -4.08 27.98
C VAL C 63 -46.01 -2.90 28.34
C VAL C 63 -46.00 -2.84 28.48
N LEU C 64 -45.73 -1.68 27.89
CA LEU C 64 -46.52 -0.49 28.23
C LEU C 64 -47.41 -0.23 27.01
N ALA C 65 -48.64 0.26 27.28
CA ALA C 65 -49.60 0.59 26.25
C ALA C 65 -49.87 2.10 26.32
N TYR C 66 -49.58 2.78 25.22
CA TYR C 66 -49.87 4.19 25.08
C TYR C 66 -50.98 4.32 24.03
N ARG C 67 -52.10 4.91 24.43
CA ARG C 67 -53.18 5.16 23.49
C ARG C 67 -52.77 6.28 22.53
N ILE C 68 -53.05 6.08 21.23
CA ILE C 68 -52.67 7.01 20.18
C ILE C 68 -53.86 7.91 19.85
N THR C 69 -53.64 9.23 19.96
CA THR C 69 -54.65 10.21 19.54
C THR C 69 -54.73 10.16 18.03
N PRO C 70 -55.91 9.91 17.44
CA PRO C 70 -55.99 9.74 15.98
C PRO C 70 -55.49 10.90 15.13
N ASP C 71 -55.81 12.12 15.51
CA ASP C 71 -55.51 13.21 14.61
C ASP C 71 -54.01 13.49 14.46
N ASN C 72 -53.24 13.37 15.56
CA ASN C 72 -51.85 13.82 15.50
C ASN C 72 -50.86 12.77 16.00
N GLY C 73 -51.35 11.60 16.41
CA GLY C 73 -50.47 10.52 16.85
C GLY C 73 -49.91 10.67 18.27
N ALA C 74 -50.37 11.66 19.02
CA ALA C 74 -49.89 11.86 20.38
C ALA C 74 -50.25 10.68 21.28
N LEU C 75 -49.45 10.50 22.32
CA LEU C 75 -49.54 9.35 23.19
C LEU C 75 -50.05 9.73 24.58
N THR C 76 -50.79 8.78 25.17
CA THR C 76 -51.25 8.88 26.52
C THR C 76 -51.06 7.51 27.17
N PHE C 77 -50.38 7.48 28.32
CA PHE C 77 -50.17 6.20 29.00
C PHE C 77 -51.52 5.59 29.37
N ALA C 78 -51.72 4.31 29.01
CA ALA C 78 -53.03 3.68 29.19
C ALA C 78 -52.98 2.39 30.02
N GLY C 79 -51.83 1.71 30.08
CA GLY C 79 -51.79 0.46 30.80
C GLY C 79 -50.47 -0.24 30.62
N GLU C 80 -50.35 -1.40 31.31
N GLU C 80 -50.36 -1.41 31.27
CA GLU C 80 -49.12 -2.16 31.29
CA GLU C 80 -49.14 -2.17 31.23
C GLU C 80 -49.36 -3.58 31.80
C GLU C 80 -49.41 -3.61 31.70
N ALA C 81 -48.41 -4.46 31.48
CA ALA C 81 -48.42 -5.80 32.03
C ALA C 81 -46.96 -6.23 32.18
N ALA C 82 -46.72 -7.05 33.19
CA ALA C 82 -45.39 -7.56 33.45
C ALA C 82 -44.96 -8.61 32.41
N LEU C 83 -43.65 -8.60 32.11
CA LEU C 83 -43.02 -9.59 31.22
C LEU C 83 -42.02 -10.45 31.99
N PRO C 84 -41.73 -11.68 31.52
CA PRO C 84 -40.83 -12.57 32.22
C PRO C 84 -39.34 -12.26 32.06
N GLY C 85 -39.02 -11.28 31.21
CA GLY C 85 -37.64 -10.90 30.98
C GLY C 85 -37.57 -9.57 30.27
N SER C 86 -36.36 -8.99 30.21
CA SER C 86 -36.18 -7.71 29.59
C SER C 86 -36.56 -7.82 28.12
N PRO C 87 -37.49 -7.00 27.60
CA PRO C 87 -37.96 -7.17 26.22
C PRO C 87 -36.97 -6.62 25.17
N THR C 88 -36.63 -7.47 24.21
CA THR C 88 -35.71 -7.18 23.15
C THR C 88 -36.44 -6.80 21.87
N HIS C 89 -37.59 -7.44 21.66
CA HIS C 89 -38.38 -7.25 20.47
C HIS C 89 -39.85 -7.46 20.85
N ILE C 90 -40.72 -6.66 20.25
N ILE C 90 -40.75 -6.61 20.35
CA ILE C 90 -42.14 -6.71 20.52
CA ILE C 90 -42.18 -6.87 20.56
C ILE C 90 -42.88 -6.70 19.17
C ILE C 90 -42.91 -6.67 19.23
N SER C 91 -44.04 -7.36 19.13
CA SER C 91 -44.82 -7.42 17.92
C SER C 91 -46.22 -7.89 18.29
N THR C 92 -47.10 -7.98 17.29
CA THR C 92 -48.43 -8.54 17.54
C THR C 92 -48.76 -9.63 16.51
N ASP C 93 -49.83 -10.37 16.78
CA ASP C 93 -50.35 -11.27 15.75
C ASP C 93 -51.05 -10.40 14.69
N ARG C 94 -51.50 -11.04 13.61
CA ARG C 94 -52.10 -10.31 12.52
C ARG C 94 -53.40 -9.61 12.92
N HIS C 95 -54.11 -10.17 13.91
CA HIS C 95 -55.43 -9.64 14.32
C HIS C 95 -55.37 -8.72 15.54
N GLY C 96 -54.17 -8.46 16.07
CA GLY C 96 -54.07 -7.56 17.20
C GLY C 96 -54.72 -8.09 18.46
N ARG C 97 -54.61 -9.40 18.69
CA ARG C 97 -55.17 -10.02 19.89
C ARG C 97 -54.08 -10.31 20.94
N PHE C 98 -52.82 -10.37 20.48
CA PHE C 98 -51.74 -10.76 21.33
C PHE C 98 -50.51 -9.93 21.02
N VAL C 99 -49.72 -9.67 22.07
CA VAL C 99 -48.40 -9.07 21.95
C VAL C 99 -47.38 -10.15 22.26
N PHE C 100 -46.38 -10.30 21.38
CA PHE C 100 -45.30 -11.22 21.58
C PHE C 100 -44.07 -10.44 22.03
N SER C 101 -43.38 -10.97 23.02
N SER C 101 -43.35 -10.98 23.01
CA SER C 101 -42.15 -10.38 23.47
CA SER C 101 -42.16 -10.35 23.54
C SER C 101 -41.05 -11.43 23.42
C SER C 101 -41.00 -11.35 23.55
N ALA C 102 -39.95 -11.07 22.75
CA ALA C 102 -38.75 -11.89 22.76
C ALA C 102 -37.76 -11.22 23.71
N SER C 103 -37.21 -12.00 24.66
CA SER C 103 -36.22 -11.54 25.61
C SER C 103 -34.91 -12.27 25.37
N TYR C 104 -33.88 -11.52 24.98
CA TYR C 104 -32.59 -12.05 24.73
C TYR C 104 -31.97 -12.56 26.04
N ASN C 105 -32.07 -11.75 27.11
CA ASN C 105 -31.40 -12.09 28.38
C ASN C 105 -32.03 -13.31 29.05
N GLN C 106 -33.35 -13.48 28.95
N GLN C 106 -33.35 -13.48 28.96
CA GLN C 106 -34.06 -14.58 29.58
CA GLN C 106 -33.98 -14.64 29.59
C GLN C 106 -34.20 -15.76 28.60
C GLN C 106 -34.08 -15.82 28.62
N GLY C 107 -33.78 -15.57 27.33
CA GLY C 107 -33.84 -16.62 26.33
C GLY C 107 -35.26 -17.15 26.16
N CYS C 108 -36.23 -16.25 26.02
CA CYS C 108 -37.60 -16.72 25.97
C CYS C 108 -38.48 -15.84 25.08
N VAL C 109 -39.60 -16.43 24.67
CA VAL C 109 -40.64 -15.69 23.97
C VAL C 109 -41.91 -15.85 24.80
N SER C 110 -42.65 -14.77 24.98
CA SER C 110 -43.87 -14.82 25.78
C SER C 110 -45.02 -14.18 25.02
N VAL C 111 -46.24 -14.53 25.46
CA VAL C 111 -47.48 -14.04 24.86
C VAL C 111 -48.30 -13.27 25.91
N THR C 112 -48.64 -12.03 25.56
CA THR C 112 -49.42 -11.11 26.36
C THR C 112 -50.76 -10.94 25.69
N PRO C 113 -51.88 -11.27 26.37
CA PRO C 113 -53.20 -11.05 25.77
C PRO C 113 -53.59 -9.57 25.82
N LEU C 114 -54.36 -9.14 24.84
CA LEU C 114 -54.90 -7.80 24.81
C LEU C 114 -56.41 -7.87 25.04
N HIS C 115 -56.91 -7.07 25.98
CA HIS C 115 -58.35 -6.95 26.27
C HIS C 115 -58.72 -5.47 26.09
N ASP C 116 -59.55 -5.18 25.08
CA ASP C 116 -59.92 -3.82 24.75
C ASP C 116 -58.62 -3.04 24.49
N GLY C 117 -57.62 -3.74 23.95
CA GLY C 117 -56.33 -3.16 23.56
C GLY C 117 -55.33 -3.03 24.70
N LEU C 118 -55.71 -3.39 25.93
CA LEU C 118 -54.83 -3.24 27.08
C LEU C 118 -54.19 -4.58 27.42
N PRO C 119 -52.89 -4.60 27.73
CA PRO C 119 -52.18 -5.86 28.00
C PRO C 119 -52.53 -6.46 29.36
N GLY C 120 -52.67 -7.78 29.35
CA GLY C 120 -52.94 -8.54 30.57
C GLY C 120 -51.79 -9.46 30.94
N GLU C 121 -52.08 -10.31 31.92
N GLU C 121 -52.00 -10.22 32.02
CA GLU C 121 -51.17 -11.30 32.49
CA GLU C 121 -50.98 -11.13 32.52
C GLU C 121 -50.64 -12.24 31.40
C GLU C 121 -50.62 -12.14 31.42
N THR C 122 -49.32 -12.43 31.38
CA THR C 122 -48.71 -13.34 30.45
C THR C 122 -49.43 -14.68 30.46
N ILE C 123 -49.72 -15.23 29.27
CA ILE C 123 -50.42 -16.52 29.28
C ILE C 123 -49.48 -17.69 28.99
N THR C 124 -48.30 -17.44 28.41
CA THR C 124 -47.36 -18.51 28.20
C THR C 124 -45.98 -17.92 28.01
N VAL C 125 -44.98 -18.68 28.43
N VAL C 125 -44.96 -18.68 28.42
CA VAL C 125 -43.60 -18.35 28.24
CA VAL C 125 -43.56 -18.31 28.24
C VAL C 125 -42.91 -19.61 27.74
C VAL C 125 -42.80 -19.55 27.82
N VAL C 126 -42.14 -19.47 26.66
CA VAL C 126 -41.37 -20.57 26.10
C VAL C 126 -39.91 -20.22 26.32
N GLU C 127 -39.25 -20.94 27.23
CA GLU C 127 -37.84 -20.74 27.56
C GLU C 127 -36.95 -21.72 26.78
N GLY C 128 -35.63 -21.58 26.97
CA GLY C 128 -34.62 -22.39 26.32
C GLY C 128 -34.23 -21.92 24.93
N LEU C 129 -34.59 -20.68 24.59
CA LEU C 129 -34.28 -20.10 23.30
C LEU C 129 -33.14 -19.10 23.47
N GLU C 130 -31.91 -19.63 23.57
CA GLU C 130 -30.75 -18.79 23.88
C GLU C 130 -30.57 -17.70 22.82
N GLY C 131 -30.49 -16.46 23.31
CA GLY C 131 -30.34 -15.28 22.44
C GLY C 131 -31.58 -14.98 21.62
N CYS C 132 -32.74 -15.35 22.14
CA CYS C 132 -34.05 -15.07 21.51
C CYS C 132 -34.10 -13.58 21.15
N HIS C 133 -34.29 -13.27 19.85
CA HIS C 133 -34.08 -11.86 19.45
C HIS C 133 -35.26 -11.23 18.71
N SER C 134 -36.25 -12.03 18.31
CA SER C 134 -37.46 -11.48 17.70
C SER C 134 -38.50 -12.59 17.62
N ALA C 135 -39.75 -12.17 17.47
CA ALA C 135 -40.86 -13.05 17.24
C ALA C 135 -41.69 -12.43 16.13
N ASN C 136 -41.87 -13.19 15.05
CA ASN C 136 -42.39 -12.65 13.80
C ASN C 136 -43.50 -13.56 13.29
N ILE C 137 -44.75 -13.07 13.38
CA ILE C 137 -45.89 -13.90 12.99
C ILE C 137 -45.89 -14.06 11.46
N SER C 138 -46.17 -15.28 11.02
CA SER C 138 -46.22 -15.60 9.59
C SER C 138 -47.37 -14.85 8.91
N PRO C 139 -47.29 -14.66 7.58
CA PRO C 139 -48.37 -14.00 6.84
C PRO C 139 -49.75 -14.60 7.08
N ASP C 140 -49.83 -15.93 7.29
CA ASP C 140 -51.13 -16.59 7.47
C ASP C 140 -51.56 -16.67 8.93
N ASN C 141 -50.78 -16.09 9.83
CA ASN C 141 -51.09 -15.99 11.26
C ASN C 141 -50.98 -17.33 12.00
N ARG C 142 -50.54 -18.40 11.34
CA ARG C 142 -50.45 -19.70 12.03
C ARG C 142 -49.14 -19.91 12.81
N THR C 143 -48.06 -19.31 12.35
CA THR C 143 -46.74 -19.71 12.82
C THR C 143 -45.90 -18.51 13.27
N LEU C 144 -45.36 -18.59 14.49
CA LEU C 144 -44.49 -17.58 15.01
C LEU C 144 -43.04 -18.03 14.73
N TRP C 145 -42.32 -17.20 13.95
CA TRP C 145 -40.93 -17.42 13.61
C TRP C 145 -40.09 -16.68 14.65
N VAL C 146 -39.22 -17.42 15.37
CA VAL C 146 -38.52 -16.88 16.49
C VAL C 146 -37.03 -17.17 16.38
N PRO C 147 -36.25 -16.21 15.84
CA PRO C 147 -34.80 -16.35 15.84
C PRO C 147 -34.19 -16.46 17.25
N ALA C 148 -33.36 -17.49 17.42
CA ALA C 148 -32.59 -17.74 18.63
C ALA C 148 -31.14 -17.55 18.22
N LEU C 149 -30.66 -16.32 18.42
CA LEU C 149 -29.37 -15.88 17.86
C LEU C 149 -28.24 -16.81 18.27
N LYS C 150 -28.21 -17.24 19.54
CA LYS C 150 -27.08 -18.05 20.00
C LYS C 150 -27.24 -19.52 19.60
N GLN C 151 -28.35 -19.89 18.96
CA GLN C 151 -28.58 -21.29 18.60
C GLN C 151 -28.54 -21.51 17.08
N ASP C 152 -28.26 -20.44 16.30
CA ASP C 152 -28.19 -20.58 14.85
C ASP C 152 -29.45 -21.26 14.29
N ARG C 153 -30.61 -20.87 14.81
CA ARG C 153 -31.86 -21.42 14.32
C ARG C 153 -32.98 -20.38 14.45
N ILE C 154 -34.00 -20.57 13.62
CA ILE C 154 -35.25 -19.81 13.73
C ILE C 154 -36.27 -20.86 14.15
N CYS C 155 -36.77 -20.71 15.37
CA CYS C 155 -37.76 -21.65 15.91
C CYS C 155 -39.12 -21.36 15.29
N LEU C 156 -39.87 -22.44 15.05
CA LEU C 156 -41.21 -22.35 14.46
C LEU C 156 -42.24 -22.86 15.45
N PHE C 157 -43.19 -22.00 15.81
CA PHE C 157 -44.23 -22.36 16.77
C PHE C 157 -45.62 -22.12 16.19
N THR C 158 -46.49 -23.10 16.35
CA THR C 158 -47.88 -22.90 16.01
C THR C 158 -48.51 -22.01 17.10
N LEU C 159 -49.23 -20.97 16.65
CA LEU C 159 -49.97 -20.06 17.49
C LEU C 159 -51.42 -20.52 17.53
N SER C 160 -51.93 -20.84 18.71
CA SER C 160 -53.33 -21.24 18.81
C SER C 160 -54.22 -19.98 18.87
N ASP C 161 -55.53 -20.18 18.70
CA ASP C 161 -56.52 -19.10 18.80
C ASP C 161 -56.49 -18.46 20.19
N ASP C 162 -56.10 -19.22 21.22
CA ASP C 162 -56.09 -18.72 22.61
C ASP C 162 -54.71 -18.14 22.96
N GLY C 163 -53.80 -18.09 21.98
CA GLY C 163 -52.49 -17.42 22.21
C GLY C 163 -51.39 -18.33 22.70
N PHE C 164 -51.57 -19.65 22.64
CA PHE C 164 -50.48 -20.56 23.06
C PHE C 164 -49.55 -20.88 21.88
N LEU C 165 -48.31 -21.25 22.25
CA LEU C 165 -47.23 -21.55 21.30
C LEU C 165 -46.68 -22.94 21.58
N SER C 166 -46.59 -23.75 20.53
CA SER C 166 -45.96 -25.05 20.67
C SER C 166 -45.22 -25.38 19.37
N ALA C 167 -44.10 -26.09 19.53
CA ALA C 167 -43.22 -26.39 18.41
C ALA C 167 -43.92 -27.15 17.30
N GLN C 168 -43.60 -26.76 16.06
CA GLN C 168 -44.07 -27.46 14.88
C GLN C 168 -43.06 -28.58 14.54
N GLU C 169 -43.34 -29.29 13.45
CA GLU C 169 -42.41 -30.28 12.88
C GLU C 169 -42.21 -29.91 11.43
N PRO C 170 -41.01 -29.45 11.01
CA PRO C 170 -39.85 -29.30 11.89
C PRO C 170 -39.95 -28.14 12.89
N ALA C 171 -39.22 -28.26 14.00
CA ALA C 171 -39.28 -27.31 15.09
C ALA C 171 -38.51 -26.01 14.78
N GLU C 172 -37.66 -26.05 13.75
CA GLU C 172 -36.85 -24.89 13.41
C GLU C 172 -36.30 -25.05 12.01
N VAL C 173 -35.79 -23.94 11.48
CA VAL C 173 -34.87 -23.94 10.34
C VAL C 173 -33.54 -23.41 10.86
N THR C 174 -32.44 -23.79 10.21
CA THR C 174 -31.15 -23.51 10.75
C THR C 174 -30.34 -22.64 9.79
N THR C 175 -29.40 -21.92 10.38
CA THR C 175 -28.47 -21.06 9.64
C THR C 175 -27.10 -21.75 9.54
N VAL C 176 -26.18 -21.12 8.80
CA VAL C 176 -24.80 -21.58 8.88
C VAL C 176 -24.31 -21.31 10.31
N GLU C 177 -23.31 -22.07 10.72
CA GLU C 177 -22.76 -21.94 12.05
C GLU C 177 -22.22 -20.53 12.30
N GLY C 178 -22.61 -19.95 13.45
CA GLY C 178 -22.17 -18.64 13.89
C GLY C 178 -22.84 -17.48 13.16
N ALA C 179 -23.91 -17.74 12.41
CA ALA C 179 -24.58 -16.62 11.69
C ALA C 179 -25.28 -15.65 12.65
N GLY C 180 -25.97 -16.18 13.66
CA GLY C 180 -26.64 -15.35 14.65
C GLY C 180 -27.93 -14.71 14.11
N PRO C 181 -28.94 -15.53 13.74
CA PRO C 181 -30.21 -14.97 13.21
C PRO C 181 -30.83 -14.00 14.23
N ARG C 182 -31.34 -12.86 13.74
CA ARG C 182 -31.71 -11.79 14.66
C ARG C 182 -33.13 -11.25 14.40
N HIS C 183 -33.30 -10.49 13.31
CA HIS C 183 -34.57 -9.88 12.92
C HIS C 183 -35.02 -10.44 11.57
N MET C 184 -36.32 -10.32 11.30
CA MET C 184 -36.90 -10.79 10.03
C MET C 184 -37.97 -9.84 9.54
N VAL C 185 -38.27 -9.99 8.25
CA VAL C 185 -39.45 -9.43 7.63
C VAL C 185 -39.92 -10.41 6.56
N PHE C 186 -41.23 -10.42 6.31
CA PHE C 186 -41.81 -11.21 5.24
C PHE C 186 -42.12 -10.33 4.00
N HIS C 187 -41.98 -10.94 2.81
CA HIS C 187 -42.35 -10.23 1.60
C HIS C 187 -43.84 -9.93 1.66
N PRO C 188 -44.28 -8.76 1.17
N PRO C 188 -44.28 -8.76 1.17
CA PRO C 188 -45.72 -8.47 1.11
CA PRO C 188 -45.72 -8.46 1.09
C PRO C 188 -46.56 -9.52 0.36
C PRO C 188 -46.56 -9.52 0.36
N ASN C 189 -45.95 -10.24 -0.59
CA ASN C 189 -46.67 -11.28 -1.35
C ASN C 189 -46.88 -12.56 -0.52
N GLN C 190 -46.32 -12.59 0.69
CA GLN C 190 -46.52 -13.67 1.69
C GLN C 190 -45.78 -14.97 1.35
N GLN C 191 -44.90 -14.97 0.36
N GLN C 191 -44.92 -14.95 0.34
CA GLN C 191 -44.28 -16.22 -0.09
CA GLN C 191 -44.29 -16.20 -0.15
C GLN C 191 -42.84 -16.40 0.43
C GLN C 191 -42.83 -16.37 0.32
N TYR C 192 -42.19 -15.31 0.82
CA TYR C 192 -40.79 -15.36 1.26
C TYR C 192 -40.60 -14.56 2.54
N GLY C 193 -39.60 -14.97 3.32
CA GLY C 193 -39.17 -14.24 4.49
C GLY C 193 -37.69 -13.91 4.35
N TYR C 194 -37.22 -12.90 5.09
CA TYR C 194 -35.83 -12.45 5.01
C TYR C 194 -35.34 -12.26 6.44
N CYS C 195 -34.25 -12.95 6.79
CA CYS C 195 -33.70 -12.87 8.10
C CYS C 195 -32.32 -12.25 8.03
N VAL C 196 -32.10 -11.23 8.85
CA VAL C 196 -30.77 -10.64 8.98
C VAL C 196 -30.05 -11.35 10.13
N ASN C 197 -28.83 -11.85 9.82
CA ASN C 197 -27.95 -12.55 10.72
C ASN C 197 -26.90 -11.56 11.26
N GLU C 198 -26.92 -11.35 12.57
CA GLU C 198 -26.11 -10.38 13.26
C GLU C 198 -24.60 -10.65 13.14
N LEU C 199 -24.19 -11.90 13.40
CA LEU C 199 -22.79 -12.17 13.66
C LEU C 199 -21.97 -12.36 12.39
N ASN C 200 -22.61 -12.57 11.23
CA ASN C 200 -21.84 -12.62 10.00
C ASN C 200 -22.41 -11.61 8.98
N SER C 201 -23.27 -10.71 9.46
CA SER C 201 -23.92 -9.67 8.61
C SER C 201 -24.29 -10.22 7.24
N SER C 202 -25.23 -11.18 7.24
CA SER C 202 -25.75 -11.78 6.05
C SER C 202 -27.29 -11.79 6.13
N ILE C 203 -27.90 -12.04 4.97
N ILE C 203 -27.90 -11.98 4.95
CA ILE C 203 -29.34 -12.13 4.86
CA ILE C 203 -29.33 -12.10 4.84
C ILE C 203 -29.69 -13.46 4.21
C ILE C 203 -29.63 -13.48 4.26
N ASP C 204 -30.58 -14.19 4.88
CA ASP C 204 -31.07 -15.44 4.37
C ASP C 204 -32.46 -15.20 3.79
N VAL C 205 -32.69 -15.73 2.58
CA VAL C 205 -34.01 -15.67 1.94
C VAL C 205 -34.69 -17.02 2.18
N TRP C 206 -35.85 -16.99 2.85
CA TRP C 206 -36.59 -18.20 3.18
C TRP C 206 -37.85 -18.32 2.33
N GLU C 207 -37.99 -19.43 1.59
CA GLU C 207 -39.21 -19.71 0.85
C GLU C 207 -40.16 -20.41 1.84
N LEU C 208 -41.34 -19.83 2.06
CA LEU C 208 -42.21 -20.32 3.14
C LEU C 208 -42.83 -21.68 2.82
N LYS C 209 -43.17 -21.92 1.56
CA LYS C 209 -43.89 -23.15 1.18
C LYS C 209 -43.54 -23.48 -0.27
N ASP C 210 -42.51 -24.31 -0.42
CA ASP C 210 -41.99 -24.69 -1.74
C ASP C 210 -42.96 -25.71 -2.35
N PRO C 211 -42.74 -26.14 -3.60
CA PRO C 211 -43.68 -27.07 -4.24
C PRO C 211 -43.85 -28.39 -3.46
N LYS C 212 -42.89 -28.73 -2.60
CA LYS C 212 -42.97 -29.96 -1.79
C LYS C 212 -43.64 -29.64 -0.43
N GLY C 213 -43.98 -28.37 -0.22
CA GLY C 213 -44.67 -27.93 1.00
C GLY C 213 -43.74 -27.55 2.14
N ASN C 214 -42.43 -27.42 1.87
CA ASN C 214 -41.45 -27.19 2.93
C ASN C 214 -40.86 -25.77 2.90
N ILE C 215 -40.33 -25.36 4.05
CA ILE C 215 -39.56 -24.12 4.18
C ILE C 215 -38.14 -24.41 3.70
N GLU C 216 -37.60 -23.58 2.80
CA GLU C 216 -36.24 -23.78 2.33
C GLU C 216 -35.50 -22.44 2.25
N CYS C 217 -34.19 -22.48 2.48
CA CYS C 217 -33.35 -21.29 2.29
C CYS C 217 -32.93 -21.28 0.82
N VAL C 218 -33.35 -20.26 0.07
CA VAL C 218 -33.12 -20.22 -1.38
C VAL C 218 -32.05 -19.20 -1.79
N GLN C 219 -31.50 -18.45 -0.83
CA GLN C 219 -30.41 -17.50 -1.10
C GLN C 219 -29.78 -17.02 0.22
N THR C 220 -28.48 -16.76 0.18
CA THR C 220 -27.77 -16.15 1.32
C THR C 220 -26.85 -15.09 0.75
N LEU C 221 -27.00 -13.84 1.21
CA LEU C 221 -26.17 -12.73 0.69
C LEU C 221 -25.43 -12.04 1.82
N ASP C 222 -24.24 -11.55 1.50
N ASP C 222 -24.19 -11.62 1.53
CA ASP C 222 -23.42 -10.81 2.39
CA ASP C 222 -23.43 -10.81 2.47
C ASP C 222 -23.81 -9.33 2.31
C ASP C 222 -23.87 -9.35 2.32
N MET C 223 -24.03 -8.68 3.47
CA MET C 223 -24.40 -7.25 3.52
C MET C 223 -23.19 -6.32 3.38
N MET C 224 -22.00 -6.82 3.72
CA MET C 224 -20.87 -5.92 3.90
C MET C 224 -20.09 -5.70 2.61
N PRO C 225 -19.50 -4.51 2.44
CA PRO C 225 -18.61 -4.25 1.32
C PRO C 225 -17.48 -5.27 1.38
N PRO C 226 -17.06 -5.87 0.24
CA PRO C 226 -15.94 -6.81 0.28
C PRO C 226 -14.69 -6.13 0.84
N ASP C 227 -13.85 -6.94 1.47
CA ASP C 227 -12.53 -6.53 1.95
C ASP C 227 -12.63 -5.45 3.06
N PHE C 228 -13.76 -5.44 3.78
CA PHE C 228 -13.87 -4.64 5.00
C PHE C 228 -13.81 -5.62 6.17
N SER C 229 -12.84 -5.43 7.06
CA SER C 229 -12.52 -6.43 8.05
C SER C 229 -13.17 -6.19 9.42
N GLY C 230 -14.07 -5.21 9.53
CA GLY C 230 -14.62 -4.90 10.84
C GLY C 230 -15.52 -6.00 11.38
N VAL C 231 -15.71 -5.96 12.70
CA VAL C 231 -16.55 -6.91 13.37
C VAL C 231 -17.98 -6.78 12.81
N ARG C 232 -18.55 -7.92 12.41
CA ARG C 232 -19.92 -7.96 11.91
C ARG C 232 -20.87 -7.71 13.08
N TRP C 233 -21.84 -6.82 12.85
CA TRP C 233 -22.76 -6.44 13.93
C TRP C 233 -24.06 -5.93 13.30
N ALA C 234 -24.63 -6.77 12.44
CA ALA C 234 -25.86 -6.41 11.71
C ALA C 234 -27.03 -6.31 12.71
N ALA C 235 -28.06 -5.52 12.32
CA ALA C 235 -29.17 -5.21 13.24
C ALA C 235 -30.54 -5.40 12.59
N ASP C 236 -30.97 -4.41 11.81
CA ASP C 236 -32.37 -4.37 11.39
C ASP C 236 -32.52 -4.65 9.89
N ILE C 237 -33.77 -4.98 9.51
CA ILE C 237 -34.10 -5.33 8.13
C ILE C 237 -35.56 -4.93 7.88
N HIS C 238 -35.80 -4.30 6.72
CA HIS C 238 -37.14 -3.87 6.32
C HIS C 238 -37.26 -3.95 4.80
N ILE C 239 -38.50 -4.16 4.32
CA ILE C 239 -38.79 -4.23 2.90
C ILE C 239 -39.93 -3.25 2.58
N THR C 240 -39.82 -2.61 1.42
CA THR C 240 -40.88 -1.68 1.03
C THR C 240 -42.17 -2.43 0.74
N PRO C 241 -43.33 -1.78 0.96
CA PRO C 241 -44.62 -2.43 0.72
C PRO C 241 -44.84 -2.83 -0.74
N ASP C 242 -44.17 -2.16 -1.67
CA ASP C 242 -44.28 -2.53 -3.08
C ASP C 242 -43.40 -3.73 -3.43
N GLY C 243 -42.64 -4.24 -2.43
CA GLY C 243 -41.80 -5.41 -2.58
C GLY C 243 -40.54 -5.20 -3.41
N ARG C 244 -40.23 -3.96 -3.81
CA ARG C 244 -39.12 -3.72 -4.76
C ARG C 244 -37.76 -3.53 -4.09
N HIS C 245 -37.74 -3.08 -2.85
CA HIS C 245 -36.48 -2.72 -2.19
C HIS C 245 -36.43 -3.29 -0.77
N LEU C 246 -35.24 -3.79 -0.41
CA LEU C 246 -35.02 -4.31 0.94
C LEU C 246 -33.74 -3.69 1.48
N TYR C 247 -33.77 -3.32 2.75
CA TYR C 247 -32.66 -2.65 3.40
C TYR C 247 -32.26 -3.38 4.68
N ALA C 248 -30.96 -3.37 4.98
CA ALA C 248 -30.50 -3.89 6.29
C ALA C 248 -29.32 -3.04 6.73
N CYS C 249 -29.13 -2.97 8.05
CA CYS C 249 -28.06 -2.11 8.57
C CYS C 249 -27.07 -2.88 9.45
N ASP C 250 -25.83 -2.34 9.46
CA ASP C 250 -24.73 -2.85 10.24
C ASP C 250 -24.19 -1.76 11.15
N ARG C 251 -24.07 -2.11 12.43
CA ARG C 251 -23.69 -1.17 13.48
C ARG C 251 -22.20 -0.79 13.49
N THR C 252 -21.35 -1.65 12.94
CA THR C 252 -19.90 -1.41 12.95
C THR C 252 -19.53 -0.47 11.80
N ALA C 253 -20.04 -0.77 10.61
CA ALA C 253 -19.71 0.00 9.42
C ALA C 253 -20.62 1.24 9.32
N SER C 254 -21.68 1.30 10.13
CA SER C 254 -22.64 2.39 10.08
C SER C 254 -23.12 2.58 8.64
N ILE C 255 -23.58 1.48 8.05
CA ILE C 255 -24.11 1.51 6.70
C ILE C 255 -25.49 0.86 6.65
N ILE C 256 -26.28 1.31 5.68
CA ILE C 256 -27.47 0.62 5.25
C ILE C 256 -27.10 0.00 3.91
N THR C 257 -27.27 -1.32 3.78
CA THR C 257 -27.03 -1.96 2.51
C THR C 257 -28.37 -2.00 1.77
N VAL C 258 -28.36 -1.53 0.53
CA VAL C 258 -29.54 -1.43 -0.30
C VAL C 258 -29.61 -2.67 -1.20
N PHE C 259 -30.74 -3.37 -1.19
CA PHE C 259 -30.95 -4.52 -2.03
C PHE C 259 -32.17 -4.29 -2.93
N SER C 260 -32.06 -4.79 -4.16
CA SER C 260 -33.23 -4.87 -5.03
C SER C 260 -33.79 -6.27 -4.82
N VAL C 261 -35.10 -6.41 -5.05
CA VAL C 261 -35.81 -7.67 -4.84
C VAL C 261 -36.46 -8.05 -6.16
N SER C 262 -36.26 -9.30 -6.59
CA SER C 262 -36.88 -9.76 -7.82
C SER C 262 -38.40 -9.69 -7.66
N GLU C 263 -39.11 -9.68 -8.78
CA GLU C 263 -40.57 -9.54 -8.78
C GLU C 263 -41.23 -10.65 -7.94
N ASP C 264 -40.69 -11.88 -7.97
CA ASP C 264 -41.35 -12.97 -7.25
C ASP C 264 -40.92 -13.00 -5.78
N GLY C 265 -39.83 -12.30 -5.43
CA GLY C 265 -39.31 -12.20 -4.05
C GLY C 265 -38.15 -13.14 -3.71
N SER C 266 -37.77 -14.02 -4.64
CA SER C 266 -36.82 -15.07 -4.33
C SER C 266 -35.36 -14.67 -4.48
N VAL C 267 -35.07 -13.56 -5.16
CA VAL C 267 -33.68 -13.18 -5.41
C VAL C 267 -33.44 -11.72 -5.01
N LEU C 268 -32.46 -11.53 -4.12
CA LEU C 268 -31.97 -10.22 -3.73
C LEU C 268 -30.69 -9.92 -4.49
N ALA C 269 -30.41 -8.63 -4.69
CA ALA C 269 -29.12 -8.21 -5.24
C ALA C 269 -28.67 -6.93 -4.54
N VAL C 270 -27.39 -6.86 -4.20
CA VAL C 270 -26.84 -5.67 -3.60
C VAL C 270 -26.78 -4.55 -4.66
N GLU C 271 -27.35 -3.38 -4.34
CA GLU C 271 -27.33 -2.23 -5.26
C GLU C 271 -26.37 -1.13 -4.77
N GLY C 272 -26.07 -1.12 -3.48
CA GLY C 272 -25.18 -0.11 -2.96
C GLY C 272 -25.14 -0.09 -1.44
N TYR C 273 -24.24 0.73 -0.91
CA TYR C 273 -24.04 0.93 0.52
C TYR C 273 -24.21 2.40 0.86
N GLN C 274 -25.02 2.68 1.89
CA GLN C 274 -25.29 4.03 2.29
C GLN C 274 -24.74 4.30 3.68
N PRO C 275 -23.72 5.18 3.84
CA PRO C 275 -23.26 5.58 5.16
C PRO C 275 -24.43 6.30 5.85
N THR C 276 -24.66 5.95 7.12
CA THR C 276 -25.80 6.51 7.83
C THR C 276 -25.39 6.98 9.23
N GLU C 277 -26.41 7.34 10.01
CA GLU C 277 -26.24 7.78 11.39
C GLU C 277 -25.40 6.75 12.15
N THR C 278 -24.45 7.25 12.95
CA THR C 278 -23.47 6.38 13.60
C THR C 278 -24.12 5.31 14.48
N GLN C 279 -23.71 4.06 14.24
CA GLN C 279 -24.17 2.85 14.96
C GLN C 279 -25.68 2.68 14.78
N PRO C 280 -26.13 2.38 13.55
CA PRO C 280 -27.56 2.20 13.29
C PRO C 280 -28.06 0.84 13.78
N ARG C 281 -28.80 0.87 14.88
CA ARG C 281 -29.40 -0.34 15.41
C ARG C 281 -30.83 -0.50 14.86
N GLY C 282 -31.55 0.62 14.75
CA GLY C 282 -32.93 0.58 14.27
C GLY C 282 -33.21 1.62 13.20
N PHE C 283 -34.06 1.23 12.25
CA PHE C 283 -34.59 2.13 11.24
C PHE C 283 -35.96 1.60 10.82
N ASN C 284 -36.63 2.34 9.93
CA ASN C 284 -37.84 1.82 9.36
C ASN C 284 -38.13 2.58 8.07
N LEU C 285 -39.21 2.17 7.40
CA LEU C 285 -39.68 2.76 6.16
C LEU C 285 -41.06 3.37 6.45
N ASP C 286 -41.41 4.42 5.70
CA ASP C 286 -42.76 4.94 5.89
C ASP C 286 -43.76 4.00 5.21
N HIS C 287 -45.04 4.36 5.26
CA HIS C 287 -46.09 3.49 4.78
C HIS C 287 -46.14 3.46 3.24
N SER C 288 -45.57 4.48 2.58
CA SER C 288 -45.60 4.52 1.11
C SER C 288 -44.40 3.78 0.51
N GLY C 289 -43.34 3.64 1.30
CA GLY C 289 -42.07 3.13 0.78
C GLY C 289 -41.25 4.18 0.05
N LYS C 290 -41.60 5.48 0.20
CA LYS C 290 -40.84 6.58 -0.40
C LYS C 290 -39.74 7.10 0.54
N TYR C 291 -39.81 6.74 1.81
CA TYR C 291 -38.87 7.28 2.78
C TYR C 291 -38.33 6.20 3.70
N LEU C 292 -37.04 6.36 4.02
CA LEU C 292 -36.38 5.54 5.04
C LEU C 292 -35.95 6.48 6.15
N ILE C 293 -36.23 6.09 7.40
N ILE C 293 -36.18 6.08 7.40
CA ILE C 293 -35.87 6.85 8.58
CA ILE C 293 -35.83 6.88 8.56
C ILE C 293 -34.93 5.98 9.42
C ILE C 293 -34.96 6.02 9.48
N ALA C 294 -33.70 6.45 9.64
CA ALA C 294 -32.68 5.70 10.40
C ALA C 294 -32.22 6.44 11.65
N ALA C 295 -32.08 5.71 12.75
CA ALA C 295 -31.59 6.27 14.01
C ALA C 295 -30.13 5.88 14.21
N GLY C 296 -29.34 6.82 14.71
CA GLY C 296 -27.96 6.54 15.12
C GLY C 296 -27.86 6.36 16.63
N GLN C 297 -27.56 5.14 17.09
CA GLN C 297 -27.45 4.88 18.51
C GLN C 297 -26.30 5.70 19.12
N LYS C 298 -25.33 6.10 18.29
CA LYS C 298 -24.20 6.94 18.76
C LYS C 298 -24.29 8.37 18.20
N SER C 299 -25.29 8.69 17.37
CA SER C 299 -25.42 10.04 16.81
C SER C 299 -26.54 10.83 17.50
N HIS C 300 -27.53 10.13 18.08
CA HIS C 300 -28.62 10.79 18.82
C HIS C 300 -29.50 11.61 17.87
N HIS C 301 -29.47 11.24 16.59
CA HIS C 301 -30.31 11.84 15.55
C HIS C 301 -30.95 10.74 14.71
N ILE C 302 -32.04 11.13 14.02
CA ILE C 302 -32.61 10.30 12.97
C ILE C 302 -32.38 11.05 11.66
N ALA C 303 -32.18 10.27 10.60
CA ALA C 303 -32.06 10.83 9.26
C ALA C 303 -33.21 10.31 8.41
N VAL C 304 -33.79 11.20 7.60
CA VAL C 304 -34.83 10.88 6.66
C VAL C 304 -34.19 10.87 5.27
N TYR C 305 -34.39 9.77 4.55
CA TYR C 305 -33.90 9.60 3.20
C TYR C 305 -35.06 9.36 2.22
N ASP C 306 -34.91 9.95 1.03
CA ASP C 306 -35.74 9.58 -0.07
C ASP C 306 -35.22 8.26 -0.63
N ILE C 307 -36.15 7.38 -1.02
CA ILE C 307 -35.87 6.16 -1.74
C ILE C 307 -36.07 6.49 -3.22
N VAL C 308 -34.98 6.38 -3.99
CA VAL C 308 -34.96 6.92 -5.35
C VAL C 308 -34.68 5.85 -6.40
N GLY C 309 -35.49 5.87 -7.45
CA GLY C 309 -35.21 5.11 -8.68
C GLY C 309 -35.37 3.61 -8.56
N GLU C 310 -35.06 2.94 -9.67
N GLU C 310 -35.07 2.91 -9.66
CA GLU C 310 -35.19 1.50 -9.79
CA GLU C 310 -35.25 1.47 -9.71
C GLU C 310 -34.32 0.78 -8.74
C GLU C 310 -34.33 0.78 -8.70
N GLN C 311 -33.15 1.35 -8.44
CA GLN C 311 -32.22 0.72 -7.51
C GLN C 311 -32.61 0.99 -6.04
N GLY C 312 -33.49 1.98 -5.81
CA GLY C 312 -33.91 2.28 -4.44
C GLY C 312 -32.78 2.85 -3.58
N LEU C 313 -31.84 3.57 -4.21
CA LEU C 313 -30.77 4.18 -3.49
C LEU C 313 -31.35 5.31 -2.63
N LEU C 314 -30.57 5.73 -1.63
CA LEU C 314 -31.04 6.64 -0.62
C LEU C 314 -30.40 8.02 -0.78
N GLN C 315 -31.23 9.07 -0.67
N GLN C 315 -31.22 9.07 -0.66
CA GLN C 315 -30.77 10.47 -0.76
CA GLN C 315 -30.74 10.44 -0.74
C GLN C 315 -31.25 11.21 0.50
C GLN C 315 -31.24 11.19 0.49
N GLU C 316 -30.31 11.66 1.32
CA GLU C 316 -30.66 12.31 2.57
C GLU C 316 -31.53 13.54 2.30
N LYS C 317 -32.61 13.65 3.08
CA LYS C 317 -33.53 14.75 2.95
C LYS C 317 -33.45 15.65 4.18
N GLY C 318 -33.38 15.04 5.37
CA GLY C 318 -33.33 15.84 6.57
C GLY C 318 -32.78 15.03 7.75
N ARG C 319 -32.40 15.75 8.81
CA ARG C 319 -31.81 15.16 9.97
C ARG C 319 -32.39 15.87 11.20
N TYR C 320 -32.72 15.09 12.23
CA TYR C 320 -33.46 15.60 13.39
C TYR C 320 -32.92 15.01 14.69
N ALA C 321 -32.72 15.88 15.67
CA ALA C 321 -32.25 15.41 16.97
C ALA C 321 -33.38 14.70 17.71
N VAL C 322 -33.05 13.57 18.34
CA VAL C 322 -34.00 12.88 19.19
C VAL C 322 -33.36 12.78 20.58
N GLY C 323 -33.57 11.69 21.30
CA GLY C 323 -32.93 11.55 22.60
C GLY C 323 -31.58 10.85 22.47
N GLN C 324 -31.08 10.35 23.60
CA GLN C 324 -29.80 9.68 23.68
C GLN C 324 -29.96 8.20 23.35
N GLY C 325 -29.15 7.74 22.41
CA GLY C 325 -29.07 6.33 22.04
C GLY C 325 -30.34 5.82 21.38
N PRO C 326 -30.88 6.51 20.36
CA PRO C 326 -32.11 6.05 19.71
C PRO C 326 -31.82 4.74 18.95
N MET C 327 -32.74 3.77 19.03
CA MET C 327 -32.48 2.48 18.42
C MET C 327 -33.76 1.78 17.94
N TRP C 328 -34.87 2.52 17.80
CA TRP C 328 -36.09 1.93 17.28
C TRP C 328 -36.91 3.02 16.61
N VAL C 329 -37.47 2.68 15.44
CA VAL C 329 -38.31 3.57 14.65
C VAL C 329 -39.51 2.80 14.12
N VAL C 330 -40.73 3.34 14.32
N VAL C 330 -40.70 3.40 14.24
CA VAL C 330 -41.90 2.80 13.61
CA VAL C 330 -41.92 2.83 13.68
C VAL C 330 -42.66 4.01 13.05
C VAL C 330 -42.77 3.98 13.14
N VAL C 331 -43.47 3.72 12.03
CA VAL C 331 -44.23 4.74 11.31
C VAL C 331 -45.68 4.29 11.17
N ASN C 332 -46.62 5.23 11.39
CA ASN C 332 -48.04 4.94 11.34
C ASN C 332 -48.74 5.92 10.42
N ALA C 333 -49.45 5.41 9.41
CA ALA C 333 -50.29 6.25 8.54
C ALA C 333 -51.68 6.37 9.16
N HIS C 334 -52.28 7.56 9.09
CA HIS C 334 -53.61 7.74 9.70
C HIS C 334 -54.36 8.88 9.01
#